data_9N61
#
_entry.id   9N61
#
_cell.length_a   1.00
_cell.length_b   1.00
_cell.length_c   1.00
_cell.angle_alpha   90.00
_cell.angle_beta   90.00
_cell.angle_gamma   90.00
#
_symmetry.space_group_name_H-M   'P 1'
#
loop_
_entity.id
_entity.type
_entity.pdbx_description
1 polymer 'Antigen peptide transporter 1'
2 polymer 'Antigen peptide transporter 2'
3 polymer 'Histone H3.3C peptide'
4 non-polymer "ADENOSINE-5'-TRIPHOSPHATE"
#
loop_
_entity_poly.entity_id
_entity_poly.type
_entity_poly.pdbx_seq_one_letter_code
_entity_poly.pdbx_strand_id
1 'polypeptide(L)'
;MASSRCPAPRGCRCLPGASLAWLGTVLLLLADWVLLRTALPRIFSLLVPTALPLLRVWAVGLSRWAVLWLGACGVLRATV
GSKSENAGAQGWLAALKPLAAALGLALPGLALFRELISWGAPGSADSTRLLHWGSHPTAFVVSYAAALPAAALWHKLGSL
WVPGGQGGSGNPVRRLLGCLGSETRRLSLFLVLVVLSSLGEMAIPFFTGRLTDWILQDGSADTFTRNLTLMSILTIASAV
LEFVGDGIYNNTMGHVHSHLQGEVFGAVLRQETEFFQQNQTGNIMSRVTEDTSTLSDSLSENLSLFLWYLVRGLCLLGIM
LWGSVSLTMVTLITLPLLFLLPKKVGKWYQLLEVQVRESLAKSSQVAIEALSAMPTVRSFANEEGEAQKFREKLQEIKTL
NQKEAVAYAVNSWTTSISGMLLKVGILYIGGQLVTSGAVSSGNLVTFVLYQMQFTQAVEVLLSIYPRVQKAVGSSEKIFE
YLDRTPRCPPSGLLTPLHLEGLVQFQDVSFAYPNRPDVLVLQGLTFTLRPGEVTALVGPNGSGKSTVAALLQNLYQPTGG
QLLLDGKPLPQYEHRYLHRQVAAVGQEPQVFGRSLQENIAYGLTQKPTMEEITAAAVKSGAHSFISGLPQGYDTEVDEAG
SQLSGGQRQAVALARALIRKPCVLILDDATSALDANSQLQVEQLLYESPERYSRSVLLITQHLSLVEQADHILFLEGGAI
REGGTHQQLMEKKGCYWAMVQAPADAPE
;
A
2 'polypeptide(L)'
;MRLPDLRPWTSLLLVDAALLWLLQGPLGTLLPQGLPGLWLEGTLRLGGLWGLLKLRGLLGFVGTLLLPLCLATPLTVSLR
ALVAGASRAPPARVASAPWSWLLVGYGAAGLSWSLWAVLSPPGAQEKEQDQVNNKVLMWRLLKLSRPDLPLLVAAFFFLV
LAVLGETLIPHYSGRVIDILGGDFDPHAFASAIFFMCLFSFGSSLSAGCRGGCFTYTMSRINLRIREQLFSSLLRQDLGF
FQETKTGELNSRLSSDTTLMSNWLPLNANVLLRSLVKVVGLYGFMLSISPRLTLLSLLHMPFTIAAEKVYNTRHQEVLRE
IQDAVARAGQVVREAVGGLQTVRSFGAEEHEVCRYKEALEQCRQLYWRRDLERALYLLVRRVLHLGVQMLMLSCGLQQMQ
DGELTQGSLLSFMIYQESVGSYVQTLVYIYGDMLSNVGAAEKVFSYMDRQPNLPSPGTLAPTTLQGVVKFQDVSFAYPNR
PDRPVLKGLTFTLRPGEVTALVGPNGSGKSTVAALLQNLYQPTGGQVLLDEKPISQYEHCYLHSQVVSVGQEPVLFSGSV
RNNIAYGLQSCEDDKVMAAAQAAHADDFIQEMEHGIYTDVGEKGSQLAAGQKQRLAIARALVRDPRVLILDEATSALDVQ
CEQALQDWNSRGDRTVLVIAHRLQTVQRAHQILVLQEGKLQKLAQL
;
B
3 'polypeptide(L)' RRYQKSTEL C
#
# COMPACT_ATOMS: atom_id res chain seq x y z
N VAL A 173 -1.65 10.73 -24.76
CA VAL A 173 -1.02 10.77 -26.07
C VAL A 173 0.35 11.43 -25.92
N ARG A 174 1.23 11.23 -26.91
CA ARG A 174 2.57 11.78 -26.84
C ARG A 174 2.57 13.30 -26.96
N ARG A 175 1.60 13.85 -27.70
CA ARG A 175 1.51 15.31 -27.83
C ARG A 175 1.19 15.98 -26.50
N LEU A 176 0.26 15.40 -25.73
CA LEU A 176 -0.01 15.90 -24.39
C LEU A 176 1.13 15.59 -23.43
N LEU A 177 1.97 14.60 -23.75
CA LEU A 177 3.17 14.29 -22.99
C LEU A 177 4.35 15.18 -23.40
N GLY A 178 4.10 16.28 -24.10
CA GLY A 178 5.15 17.19 -24.52
C GLY A 178 5.53 18.20 -23.46
N CYS A 179 5.70 17.73 -22.21
CA CYS A 179 6.19 18.58 -21.14
C CYS A 179 7.71 18.68 -21.20
N LEU A 180 8.33 19.05 -20.08
CA LEU A 180 9.79 19.15 -20.03
C LEU A 180 10.36 19.89 -21.23
N GLY A 181 9.72 20.97 -21.63
CA GLY A 181 10.22 21.76 -22.74
C GLY A 181 11.23 22.77 -22.26
N SER A 182 11.03 23.28 -21.05
CA SER A 182 11.93 24.30 -20.52
C SER A 182 13.32 23.76 -20.24
N GLU A 183 13.52 22.44 -20.33
CA GLU A 183 14.81 21.82 -20.05
C GLU A 183 15.42 21.20 -21.30
N THR A 184 15.07 21.70 -22.47
CA THR A 184 15.57 21.13 -23.72
C THR A 184 17.03 21.47 -23.98
N ARG A 185 17.60 22.45 -23.27
CA ARG A 185 19.04 22.68 -23.38
C ARG A 185 19.82 21.63 -22.61
N ARG A 186 19.27 21.16 -21.48
CA ARG A 186 19.95 20.14 -20.69
C ARG A 186 19.81 18.75 -21.30
N LEU A 187 18.67 18.45 -21.93
CA LEU A 187 18.48 17.12 -22.50
C LEU A 187 19.27 16.94 -23.79
N SER A 188 19.52 18.02 -24.54
CA SER A 188 20.30 17.90 -25.76
C SER A 188 21.76 17.59 -25.46
N LEU A 189 22.30 18.14 -24.37
CA LEU A 189 23.66 17.83 -23.96
C LEU A 189 23.78 16.38 -23.52
N PHE A 190 22.71 15.80 -22.98
CA PHE A 190 22.69 14.37 -22.69
C PHE A 190 22.76 13.54 -23.97
N LEU A 191 21.99 13.95 -24.99
CA LEU A 191 21.94 13.19 -26.23
C LEU A 191 23.23 13.27 -27.04
N VAL A 192 24.05 14.30 -26.79
CA VAL A 192 25.36 14.41 -27.43
C VAL A 192 26.40 13.60 -26.67
N LEU A 193 26.17 13.31 -25.39
CA LEU A 193 27.13 12.54 -24.61
C LEU A 193 26.87 11.05 -24.64
N VAL A 194 25.64 10.62 -24.94
CA VAL A 194 25.40 9.18 -25.08
C VAL A 194 25.99 8.64 -26.39
N VAL A 195 25.94 9.41 -27.47
CA VAL A 195 26.53 8.96 -28.73
C VAL A 195 28.05 8.98 -28.64
N LEU A 196 28.63 9.97 -27.95
CA LEU A 196 30.07 9.98 -27.75
C LEU A 196 30.53 8.85 -26.85
N SER A 197 29.70 8.44 -25.89
CA SER A 197 30.05 7.31 -25.05
C SER A 197 29.86 5.98 -25.78
N SER A 198 28.89 5.91 -26.69
CA SER A 198 28.67 4.67 -27.43
C SER A 198 29.74 4.44 -28.49
N LEU A 199 30.34 5.51 -29.02
CA LEU A 199 31.39 5.34 -30.00
C LEU A 199 32.71 4.95 -29.36
N GLY A 200 32.98 5.44 -28.15
CA GLY A 200 34.21 5.11 -27.48
C GLY A 200 34.20 3.81 -26.72
N GLU A 201 33.04 3.21 -26.52
CA GLU A 201 32.94 1.93 -25.83
C GLU A 201 33.31 0.75 -26.72
N MET A 202 33.01 0.83 -28.01
CA MET A 202 33.25 -0.26 -28.95
C MET A 202 34.69 -0.35 -29.43
N ALA A 203 35.60 0.40 -28.81
CA ALA A 203 37.02 0.26 -29.12
C ALA A 203 37.59 -1.06 -28.64
N ILE A 204 37.04 -1.65 -27.58
CA ILE A 204 37.52 -2.90 -27.02
C ILE A 204 37.40 -4.06 -28.01
N PRO A 205 36.26 -4.32 -28.68
CA PRO A 205 36.28 -5.38 -29.70
C PRO A 205 37.06 -5.03 -30.94
N PHE A 206 37.35 -3.75 -31.18
CA PHE A 206 38.13 -3.38 -32.35
C PHE A 206 39.61 -3.69 -32.16
N PHE A 207 40.13 -3.49 -30.95
CA PHE A 207 41.55 -3.68 -30.67
C PHE A 207 41.86 -5.07 -30.11
N THR A 208 40.88 -5.96 -30.09
CA THR A 208 41.17 -7.38 -29.89
C THR A 208 41.33 -8.12 -31.19
N GLY A 209 40.72 -7.62 -32.27
CA GLY A 209 40.94 -8.21 -33.58
C GLY A 209 42.21 -7.70 -34.24
N ARG A 210 42.67 -6.51 -33.87
CA ARG A 210 43.96 -6.03 -34.35
C ARG A 210 45.11 -6.69 -33.60
N LEU A 211 44.91 -7.07 -32.35
CA LEU A 211 45.94 -7.79 -31.62
C LEU A 211 46.01 -9.25 -32.05
N THR A 212 44.86 -9.87 -32.35
CA THR A 212 44.87 -11.24 -32.84
C THR A 212 45.36 -11.34 -34.28
N ASP A 213 45.44 -10.22 -34.99
CA ASP A 213 46.09 -10.18 -36.29
C ASP A 213 47.55 -9.74 -36.19
N TRP A 214 47.91 -9.05 -35.11
CA TRP A 214 49.30 -8.70 -34.88
C TRP A 214 50.13 -9.93 -34.53
N ILE A 215 49.56 -10.83 -33.72
CA ILE A 215 50.29 -12.03 -33.32
C ILE A 215 50.42 -13.01 -34.49
N LEU A 216 49.45 -13.02 -35.41
CA LEU A 216 49.47 -13.98 -36.51
C LEU A 216 50.47 -13.61 -37.60
N GLN A 217 50.96 -12.38 -37.63
CA GLN A 217 51.94 -12.00 -38.65
C GLN A 217 53.11 -11.22 -38.06
N ASP A 218 53.26 -11.20 -36.73
CA ASP A 218 54.32 -10.50 -36.00
C ASP A 218 54.35 -9.01 -36.31
N GLY A 219 55.45 -8.35 -35.94
CA GLY A 219 55.56 -6.92 -36.14
C GLY A 219 56.35 -6.24 -35.05
N SER A 220 56.46 -4.92 -35.12
CA SER A 220 57.23 -4.19 -34.12
C SER A 220 56.49 -4.12 -32.79
N ALA A 221 57.24 -3.79 -31.75
CA ALA A 221 56.64 -3.54 -30.45
C ALA A 221 55.98 -2.17 -30.36
N ASP A 222 56.25 -1.28 -31.31
CA ASP A 222 55.58 0.01 -31.34
C ASP A 222 54.09 -0.14 -31.63
N THR A 223 53.74 -1.00 -32.59
CA THR A 223 52.33 -1.22 -32.91
C THR A 223 51.58 -1.89 -31.76
N PHE A 224 52.27 -2.73 -30.99
CA PHE A 224 51.69 -3.24 -29.75
C PHE A 224 51.46 -2.12 -28.75
N THR A 225 52.42 -1.21 -28.63
CA THR A 225 52.27 -0.09 -27.71
C THR A 225 51.23 0.90 -28.22
N ARG A 226 51.20 1.14 -29.53
CA ARG A 226 50.25 2.11 -30.09
C ARG A 226 48.82 1.60 -30.03
N ASN A 227 48.62 0.29 -30.19
CA ASN A 227 47.27 -0.25 -30.12
C ASN A 227 46.76 -0.32 -28.69
N LEU A 228 47.66 -0.46 -27.72
CA LEU A 228 47.21 -0.52 -26.33
C LEU A 228 46.85 0.86 -25.79
N THR A 229 47.57 1.91 -26.19
CA THR A 229 47.28 3.23 -25.65
C THR A 229 46.01 3.83 -26.24
N LEU A 230 45.64 3.41 -27.45
CA LEU A 230 44.38 3.87 -28.02
C LEU A 230 43.20 3.14 -27.39
N MET A 231 43.39 1.88 -27.01
CA MET A 231 42.38 1.17 -26.24
C MET A 231 42.39 1.60 -24.77
N SER A 232 43.52 2.09 -24.27
CA SER A 232 43.56 2.66 -22.92
C SER A 232 42.68 3.89 -22.81
N ILE A 233 42.87 4.85 -23.71
CA ILE A 233 42.22 6.15 -23.58
C ILE A 233 40.74 6.05 -23.91
N LEU A 234 40.39 5.33 -24.98
CA LEU A 234 39.01 5.33 -25.46
C LEU A 234 38.08 4.58 -24.51
N THR A 235 38.58 3.57 -23.81
CA THR A 235 37.73 2.87 -22.84
C THR A 235 37.57 3.69 -21.57
N ILE A 236 38.63 4.38 -21.15
CA ILE A 236 38.53 5.25 -19.97
C ILE A 236 37.66 6.45 -20.27
N ALA A 237 37.82 7.06 -21.45
CA ALA A 237 37.00 8.22 -21.81
C ALA A 237 35.57 7.85 -22.15
N SER A 238 35.25 6.56 -22.27
CA SER A 238 33.86 6.18 -22.47
C SER A 238 33.13 5.95 -21.16
N ALA A 239 33.86 5.57 -20.10
CA ALA A 239 33.22 5.39 -18.80
C ALA A 239 32.94 6.72 -18.13
N VAL A 240 33.80 7.72 -18.34
CA VAL A 240 33.60 9.03 -17.73
C VAL A 240 32.41 9.74 -18.36
N LEU A 241 32.30 9.70 -19.69
CA LEU A 241 31.22 10.40 -20.36
C LEU A 241 29.86 9.77 -20.06
N GLU A 242 29.83 8.47 -19.76
CA GLU A 242 28.59 7.86 -19.31
C GLU A 242 28.23 8.35 -17.92
N PHE A 243 29.22 8.54 -17.05
CA PHE A 243 28.95 9.00 -15.69
C PHE A 243 28.47 10.45 -15.69
N VAL A 244 29.05 11.30 -16.54
CA VAL A 244 28.57 12.67 -16.66
C VAL A 244 27.20 12.69 -17.32
N GLY A 245 27.00 11.84 -18.34
CA GLY A 245 25.70 11.76 -18.99
C GLY A 245 24.62 11.22 -18.07
N ASP A 246 24.98 10.28 -17.20
CA ASP A 246 23.97 9.64 -16.31
C ASP A 246 23.46 10.65 -15.28
N GLY A 247 24.37 11.31 -14.55
CA GLY A 247 23.95 12.23 -13.47
C GLY A 247 23.15 13.39 -14.02
N ILE A 248 23.57 13.96 -15.16
CA ILE A 248 22.81 15.07 -15.80
C ILE A 248 21.35 14.63 -15.93
N TYR A 249 21.11 13.54 -16.67
CA TYR A 249 19.75 13.06 -16.89
C TYR A 249 19.04 12.78 -15.58
N ASN A 250 19.75 12.27 -14.58
CA ASN A 250 19.11 11.97 -13.30
C ASN A 250 18.80 13.24 -12.53
N ASN A 251 19.56 14.31 -12.75
CA ASN A 251 19.27 15.57 -12.10
C ASN A 251 18.01 16.23 -12.66
N THR A 252 17.86 16.20 -13.98
CA THR A 252 16.73 16.88 -14.61
C THR A 252 15.42 16.13 -14.39
N MET A 253 15.46 14.80 -14.51
CA MET A 253 14.25 14.01 -14.33
C MET A 253 13.74 14.05 -12.90
N GLY A 254 14.61 14.33 -11.94
CA GLY A 254 14.15 14.57 -10.58
C GLY A 254 13.32 15.83 -10.47
N HIS A 255 13.71 16.88 -11.20
CA HIS A 255 12.97 18.13 -11.15
C HIS A 255 11.62 18.02 -11.83
N VAL A 256 11.56 17.35 -12.98
CA VAL A 256 10.32 17.23 -13.74
C VAL A 256 9.30 16.40 -12.97
N HIS A 257 9.74 15.29 -12.37
CA HIS A 257 8.84 14.44 -11.60
C HIS A 257 8.33 15.17 -10.35
N SER A 258 9.19 15.92 -9.69
CA SER A 258 8.78 16.61 -8.46
C SER A 258 7.92 17.82 -8.75
N HIS A 259 8.18 18.53 -9.86
CA HIS A 259 7.37 19.70 -10.18
C HIS A 259 5.97 19.30 -10.63
N LEU A 260 5.85 18.18 -11.35
CA LEU A 260 4.54 17.73 -11.80
C LEU A 260 3.73 17.12 -10.65
N GLN A 261 4.40 16.41 -9.73
CA GLN A 261 3.70 15.83 -8.59
C GLN A 261 3.15 16.90 -7.67
N GLY A 262 3.89 17.98 -7.47
CA GLY A 262 3.34 19.12 -6.74
C GLY A 262 2.30 19.86 -7.53
N GLU A 263 2.32 19.74 -8.86
CA GLU A 263 1.33 20.38 -9.70
C GLU A 263 0.01 19.63 -9.69
N VAL A 264 0.03 18.31 -9.53
CA VAL A 264 -1.22 17.56 -9.48
C VAL A 264 -1.90 17.69 -8.13
N PHE A 265 -1.17 18.07 -7.07
CA PHE A 265 -1.79 18.32 -5.78
C PHE A 265 -2.50 19.66 -5.76
N GLY A 266 -2.00 20.64 -6.50
CA GLY A 266 -2.69 21.92 -6.57
C GLY A 266 -3.97 21.87 -7.36
N ALA A 267 -4.08 20.92 -8.30
CA ALA A 267 -5.28 20.81 -9.11
C ALA A 267 -6.42 20.19 -8.31
N VAL A 268 -6.14 19.13 -7.54
CA VAL A 268 -7.19 18.46 -6.79
C VAL A 268 -7.70 19.35 -5.66
N LEU A 269 -6.81 20.12 -5.03
CA LEU A 269 -7.24 21.04 -3.98
C LEU A 269 -8.02 22.23 -4.51
N ARG A 270 -7.92 22.53 -5.81
CA ARG A 270 -8.73 23.57 -6.42
C ARG A 270 -10.01 23.03 -7.02
N GLN A 271 -10.28 21.73 -6.88
CA GLN A 271 -11.53 21.17 -7.36
C GLN A 271 -12.67 21.59 -6.44
N GLU A 272 -13.90 21.34 -6.90
CA GLU A 272 -15.07 21.68 -6.12
C GLU A 272 -15.19 20.78 -4.90
N THR A 273 -15.98 21.23 -3.92
CA THR A 273 -16.11 20.50 -2.65
C THR A 273 -16.85 19.19 -2.86
N GLU A 274 -17.74 19.13 -3.84
CA GLU A 274 -18.58 17.96 -4.08
C GLU A 274 -17.81 16.79 -4.69
N PHE A 275 -16.57 17.01 -5.12
CA PHE A 275 -15.74 15.91 -5.60
C PHE A 275 -15.42 14.98 -4.43
N PHE A 276 -15.37 15.52 -3.21
CA PHE A 276 -14.74 14.88 -2.07
C PHE A 276 -15.73 14.20 -1.13
N GLN A 277 -16.98 13.98 -1.55
CA GLN A 277 -17.97 13.39 -0.66
C GLN A 277 -18.39 11.99 -1.10
N GLN A 278 -18.94 11.84 -2.31
CA GLN A 278 -19.42 10.54 -2.76
C GLN A 278 -18.28 9.61 -3.18
N ASN A 279 -17.30 10.14 -3.91
CA ASN A 279 -16.14 9.34 -4.29
C ASN A 279 -15.29 9.07 -3.05
N GLN A 280 -14.68 7.88 -3.02
CA GLN A 280 -13.90 7.46 -1.88
C GLN A 280 -12.63 8.30 -1.74
N THR A 281 -12.23 8.53 -0.49
CA THR A 281 -10.97 9.21 -0.23
C THR A 281 -9.78 8.39 -0.74
N GLY A 282 -9.84 7.07 -0.57
CA GLY A 282 -8.76 6.21 -1.02
C GLY A 282 -8.57 6.19 -2.52
N ASN A 283 -9.63 6.47 -3.28
CA ASN A 283 -9.47 6.63 -4.73
C ASN A 283 -8.70 7.90 -5.05
N ILE A 284 -8.96 8.98 -4.31
CA ILE A 284 -8.16 10.19 -4.44
C ILE A 284 -6.75 9.95 -3.92
N MET A 285 -6.62 9.06 -2.93
CA MET A 285 -5.32 8.75 -2.34
C MET A 285 -4.40 8.08 -3.34
N SER A 286 -4.93 7.10 -4.09
CA SER A 286 -4.12 6.32 -5.00
C SER A 286 -3.63 7.15 -6.17
N ARG A 287 -4.50 7.99 -6.73
CA ARG A 287 -4.18 8.74 -7.94
C ARG A 287 -3.10 9.79 -7.71
N VAL A 288 -2.91 10.23 -6.48
CA VAL A 288 -1.94 11.27 -6.16
C VAL A 288 -0.64 10.68 -5.64
N THR A 289 -0.70 9.73 -4.72
CA THR A 289 0.49 9.25 -4.03
C THR A 289 1.35 8.33 -4.89
N GLU A 290 0.82 7.17 -5.28
CA GLU A 290 1.65 6.18 -5.96
C GLU A 290 1.22 5.89 -7.39
N ASP A 291 0.11 6.45 -7.87
CA ASP A 291 -0.18 6.36 -9.30
C ASP A 291 0.55 7.43 -10.10
N THR A 292 1.25 8.34 -9.44
CA THR A 292 2.12 9.31 -10.09
C THR A 292 3.58 9.12 -9.76
N SER A 293 3.90 8.75 -8.51
CA SER A 293 5.30 8.53 -8.14
C SER A 293 5.83 7.25 -8.77
N THR A 294 5.08 6.15 -8.70
CA THR A 294 5.55 4.90 -9.29
C THR A 294 5.43 4.93 -10.81
N LEU A 295 4.47 5.70 -11.34
CA LEU A 295 4.38 5.86 -12.80
C LEU A 295 5.58 6.61 -13.34
N SER A 296 5.99 7.68 -12.67
CA SER A 296 7.10 8.49 -13.17
C SER A 296 8.43 7.80 -12.94
N ASP A 297 8.59 7.10 -11.82
CA ASP A 297 9.85 6.43 -11.54
C ASP A 297 10.05 5.21 -12.42
N SER A 298 8.96 4.53 -12.80
CA SER A 298 9.08 3.44 -13.77
C SER A 298 9.38 3.98 -15.16
N LEU A 299 8.79 5.13 -15.51
CA LEU A 299 9.00 5.65 -16.86
C LEU A 299 10.38 6.30 -17.00
N SER A 300 10.85 7.02 -15.97
CA SER A 300 12.16 7.65 -16.06
C SER A 300 13.29 6.64 -16.01
N GLU A 301 13.06 5.49 -15.36
CA GLU A 301 14.07 4.43 -15.37
C GLU A 301 14.07 3.67 -16.68
N ASN A 302 12.90 3.47 -17.28
CA ASN A 302 12.80 2.67 -18.49
C ASN A 302 12.95 3.49 -19.77
N LEU A 303 13.03 4.82 -19.67
CA LEU A 303 13.23 5.61 -20.87
C LEU A 303 14.70 5.76 -21.21
N SER A 304 15.55 5.89 -20.20
CA SER A 304 16.98 6.01 -20.47
C SER A 304 17.57 4.70 -20.95
N LEU A 305 17.07 3.57 -20.42
CA LEU A 305 17.53 2.26 -20.89
C LEU A 305 17.14 2.03 -22.34
N PHE A 306 15.95 2.46 -22.73
CA PHE A 306 15.57 2.41 -24.14
C PHE A 306 16.41 3.39 -24.96
N LEU A 307 16.79 4.51 -24.37
CA LEU A 307 17.59 5.50 -25.09
C LEU A 307 19.06 5.10 -25.19
N TRP A 308 19.59 4.42 -24.16
CA TRP A 308 21.00 4.03 -24.19
C TRP A 308 21.23 2.90 -25.19
N TYR A 309 20.37 1.88 -25.17
CA TYR A 309 20.59 0.71 -26.01
C TYR A 309 20.12 0.90 -27.43
N LEU A 310 19.34 1.94 -27.73
CA LEU A 310 18.99 2.23 -29.12
C LEU A 310 20.19 2.79 -29.86
N VAL A 311 20.92 3.72 -29.23
CA VAL A 311 22.12 4.27 -29.84
C VAL A 311 23.20 3.20 -29.97
N ARG A 312 23.36 2.35 -28.96
CA ARG A 312 24.35 1.24 -29.11
C ARG A 312 23.83 0.26 -30.15
N GLY A 313 22.52 0.09 -30.25
CA GLY A 313 22.02 -0.77 -31.31
C GLY A 313 22.12 -0.16 -32.69
N LEU A 314 22.26 1.18 -32.75
CA LEU A 314 22.39 1.85 -34.03
C LEU A 314 23.85 2.09 -34.39
N CYS A 315 24.69 2.37 -33.40
CA CYS A 315 26.10 2.59 -33.69
C CYS A 315 26.83 1.30 -34.01
N LEU A 316 26.34 0.17 -33.46
CA LEU A 316 26.93 -1.12 -33.81
C LEU A 316 26.59 -1.51 -35.24
N LEU A 317 25.36 -1.24 -35.67
CA LEU A 317 24.96 -1.57 -37.04
C LEU A 317 25.69 -0.72 -38.06
N GLY A 318 26.15 0.46 -37.66
CA GLY A 318 26.92 1.30 -38.58
C GLY A 318 28.26 0.70 -38.95
N ILE A 319 28.98 0.17 -37.97
CA ILE A 319 30.32 -0.36 -38.22
C ILE A 319 30.27 -1.80 -38.74
N MET A 320 29.18 -2.54 -38.46
CA MET A 320 28.96 -3.84 -39.08
C MET A 320 28.90 -3.72 -40.61
N LEU A 321 28.25 -2.68 -41.12
CA LEU A 321 28.22 -2.45 -42.56
C LEU A 321 29.60 -2.13 -43.10
N TRP A 322 30.38 -1.36 -42.36
CA TRP A 322 31.73 -0.98 -42.81
C TRP A 322 32.68 -2.16 -42.76
N GLY A 323 32.50 -3.07 -41.81
CA GLY A 323 33.40 -4.21 -41.67
C GLY A 323 33.29 -5.20 -42.79
N SER A 324 32.15 -5.89 -42.88
CA SER A 324 31.88 -6.80 -43.99
C SER A 324 30.38 -6.93 -44.16
N VAL A 325 29.92 -6.76 -45.39
CA VAL A 325 28.49 -6.77 -45.65
C VAL A 325 27.93 -8.19 -45.73
N SER A 326 28.77 -9.17 -46.12
CA SER A 326 28.29 -10.52 -46.36
C SER A 326 27.81 -11.19 -45.08
N LEU A 327 28.60 -11.11 -44.01
CA LEU A 327 28.16 -11.65 -42.73
C LEU A 327 27.18 -10.73 -42.01
N THR A 328 27.17 -9.44 -42.35
CA THR A 328 26.19 -8.53 -41.76
C THR A 328 24.79 -8.83 -42.27
N MET A 329 24.65 -9.05 -43.58
CA MET A 329 23.34 -9.29 -44.17
C MET A 329 22.74 -10.60 -43.68
N VAL A 330 23.55 -11.64 -43.49
CA VAL A 330 23.03 -12.92 -43.04
C VAL A 330 22.56 -12.88 -41.59
N THR A 331 22.98 -11.86 -40.82
CA THR A 331 22.43 -11.68 -39.49
C THR A 331 20.98 -11.21 -39.56
N LEU A 332 20.69 -10.27 -40.45
CA LEU A 332 19.37 -9.66 -40.48
C LEU A 332 18.30 -10.59 -41.05
N ILE A 333 18.69 -11.56 -41.89
CA ILE A 333 17.71 -12.55 -42.35
C ILE A 333 17.35 -13.52 -41.23
N THR A 334 18.35 -13.98 -40.48
CA THR A 334 18.11 -14.98 -39.45
C THR A 334 17.66 -14.38 -38.12
N LEU A 335 17.61 -13.07 -38.00
CA LEU A 335 17.23 -12.46 -36.72
C LEU A 335 15.73 -12.55 -36.44
N PRO A 336 14.81 -12.12 -37.31
CA PRO A 336 13.39 -12.25 -36.94
C PRO A 336 12.88 -13.68 -37.01
N LEU A 337 13.58 -14.58 -37.72
CA LEU A 337 13.22 -15.98 -37.69
C LEU A 337 13.59 -16.62 -36.37
N LEU A 338 14.63 -16.10 -35.70
CA LEU A 338 15.06 -16.60 -34.41
C LEU A 338 14.51 -15.80 -33.23
N PHE A 339 13.75 -14.74 -33.48
CA PHE A 339 13.15 -13.94 -32.43
C PHE A 339 11.64 -13.88 -32.58
N LEU A 340 11.04 -14.99 -32.98
CA LEU A 340 9.60 -15.18 -32.96
C LEU A 340 9.19 -16.25 -31.96
N LEU A 341 9.83 -17.41 -32.00
CA LEU A 341 9.60 -18.44 -30.98
C LEU A 341 9.95 -18.02 -29.56
N PRO A 342 11.08 -17.33 -29.27
CA PRO A 342 11.29 -16.87 -27.88
C PRO A 342 10.24 -15.90 -27.36
N LYS A 343 9.66 -15.05 -28.21
CA LYS A 343 8.64 -14.14 -27.69
C LYS A 343 7.24 -14.70 -27.81
N LYS A 344 7.04 -15.75 -28.60
CA LYS A 344 5.74 -16.42 -28.60
C LYS A 344 5.56 -17.24 -27.33
N VAL A 345 6.59 -17.99 -26.93
CA VAL A 345 6.57 -18.70 -25.66
C VAL A 345 6.74 -17.70 -24.52
N GLY A 346 7.48 -16.63 -24.75
CA GLY A 346 7.63 -15.59 -23.74
C GLY A 346 6.32 -14.89 -23.43
N LYS A 347 5.46 -14.73 -24.43
CA LYS A 347 4.13 -14.18 -24.18
C LYS A 347 3.28 -15.15 -23.37
N TRP A 348 3.40 -16.46 -23.66
CA TRP A 348 2.59 -17.45 -22.97
C TRP A 348 2.99 -17.59 -21.51
N TYR A 349 4.28 -17.45 -21.20
CA TYR A 349 4.73 -17.64 -19.82
C TYR A 349 4.34 -16.46 -18.94
N GLN A 350 4.47 -15.23 -19.43
CA GLN A 350 4.08 -14.08 -18.63
C GLN A 350 2.58 -13.96 -18.46
N LEU A 351 1.79 -14.61 -19.33
CA LEU A 351 0.36 -14.71 -19.09
C LEU A 351 0.07 -15.56 -17.87
N LEU A 352 0.79 -16.68 -17.73
CA LEU A 352 0.56 -17.55 -16.58
C LEU A 352 1.13 -16.98 -15.30
N GLU A 353 2.17 -16.15 -15.40
CA GLU A 353 2.77 -15.56 -14.21
C GLU A 353 1.84 -14.52 -13.59
N VAL A 354 1.07 -13.80 -14.42
CA VAL A 354 0.17 -12.78 -13.87
C VAL A 354 -1.14 -13.41 -13.41
N GLN A 355 -1.46 -14.63 -13.85
CA GLN A 355 -2.63 -15.32 -13.34
C GLN A 355 -2.40 -15.86 -11.93
N VAL A 356 -1.15 -16.23 -11.60
CA VAL A 356 -0.85 -16.63 -10.24
C VAL A 356 -0.90 -15.43 -9.30
N ARG A 357 -0.34 -14.30 -9.73
CA ARG A 357 -0.27 -13.11 -8.88
C ARG A 357 -1.65 -12.52 -8.62
N GLU A 358 -2.59 -12.69 -9.56
CA GLU A 358 -3.95 -12.22 -9.31
C GLU A 358 -4.67 -13.12 -8.31
N SER A 359 -4.50 -14.45 -8.43
CA SER A 359 -5.16 -15.36 -7.52
C SER A 359 -4.51 -15.37 -6.15
N LEU A 360 -3.22 -15.02 -6.06
CA LEU A 360 -2.58 -14.89 -4.75
C LEU A 360 -3.10 -13.65 -4.02
N ALA A 361 -3.27 -12.54 -4.73
CA ALA A 361 -3.77 -11.33 -4.09
C ALA A 361 -5.26 -11.40 -3.84
N LYS A 362 -6.00 -12.17 -4.64
CA LYS A 362 -7.43 -12.35 -4.38
C LYS A 362 -7.67 -13.11 -3.09
N SER A 363 -6.86 -14.14 -2.82
CA SER A 363 -7.02 -14.90 -1.58
C SER A 363 -6.63 -14.07 -0.36
N SER A 364 -5.72 -13.12 -0.53
CA SER A 364 -5.37 -12.23 0.58
C SER A 364 -6.51 -11.30 0.93
N GLN A 365 -7.36 -10.95 -0.04
CA GLN A 365 -8.52 -10.12 0.25
C GLN A 365 -9.59 -10.89 1.01
N VAL A 366 -9.71 -12.20 0.77
CA VAL A 366 -10.64 -13.02 1.52
C VAL A 366 -10.17 -13.19 2.96
N ALA A 367 -8.87 -13.45 3.14
CA ALA A 367 -8.34 -13.70 4.47
C ALA A 367 -8.35 -12.44 5.34
N ILE A 368 -8.05 -11.29 4.76
CA ILE A 368 -8.05 -10.06 5.55
C ILE A 368 -9.46 -9.53 5.78
N GLU A 369 -10.44 -10.01 5.01
CA GLU A 369 -11.82 -9.61 5.26
C GLU A 369 -12.37 -10.25 6.53
N ALA A 370 -12.06 -11.53 6.75
CA ALA A 370 -12.50 -12.21 7.96
C ALA A 370 -11.70 -11.78 9.18
N LEU A 371 -10.45 -11.34 8.99
CA LEU A 371 -9.62 -10.94 10.13
C LEU A 371 -10.02 -9.58 10.69
N SER A 372 -10.55 -8.69 9.85
CA SER A 372 -10.98 -7.39 10.32
C SER A 372 -12.31 -7.42 11.04
N ALA A 373 -13.06 -8.53 10.94
CA ALA A 373 -14.34 -8.66 11.62
C ALA A 373 -14.32 -9.85 12.56
N MET A 374 -13.25 -9.95 13.36
CA MET A 374 -13.10 -11.07 14.28
C MET A 374 -14.20 -11.23 15.33
N PRO A 375 -14.76 -10.17 15.95
CA PRO A 375 -15.91 -10.41 16.85
C PRO A 375 -17.11 -11.05 16.18
N THR A 376 -17.36 -10.74 14.90
CA THR A 376 -18.50 -11.34 14.22
C THR A 376 -18.24 -12.80 13.90
N VAL A 377 -17.01 -13.15 13.53
CA VAL A 377 -16.67 -14.54 13.23
C VAL A 377 -16.67 -15.37 14.50
N ARG A 378 -16.11 -14.82 15.60
CA ARG A 378 -16.02 -15.56 16.85
C ARG A 378 -17.37 -15.85 17.45
N SER A 379 -18.32 -14.92 17.35
CA SER A 379 -19.62 -15.09 17.97
C SER A 379 -20.47 -16.15 17.30
N PHE A 380 -20.12 -16.58 16.10
CA PHE A 380 -20.86 -17.61 15.39
C PHE A 380 -20.12 -18.93 15.29
N ALA A 381 -18.96 -19.06 15.96
CA ALA A 381 -18.13 -20.26 15.98
C ALA A 381 -17.72 -20.68 14.56
N ASN A 382 -17.43 -19.70 13.72
CA ASN A 382 -17.11 -19.91 12.32
C ASN A 382 -15.61 -19.76 12.05
N GLU A 383 -14.77 -20.17 13.01
CA GLU A 383 -13.34 -20.17 12.75
C GLU A 383 -12.96 -21.33 11.84
N GLU A 384 -13.67 -22.46 11.94
CA GLU A 384 -13.42 -23.58 11.04
C GLU A 384 -13.90 -23.28 9.63
N GLY A 385 -15.00 -22.54 9.49
CA GLY A 385 -15.50 -22.21 8.17
C GLY A 385 -14.60 -21.27 7.41
N GLU A 386 -13.99 -20.31 8.10
CA GLU A 386 -13.09 -19.38 7.43
C GLU A 386 -11.78 -20.04 7.04
N ALA A 387 -11.37 -21.09 7.76
CA ALA A 387 -10.18 -21.82 7.36
C ALA A 387 -10.44 -22.67 6.13
N GLN A 388 -11.69 -23.12 5.94
CA GLN A 388 -12.02 -23.91 4.76
C GLN A 388 -12.15 -23.03 3.53
N LYS A 389 -12.69 -21.82 3.70
CA LYS A 389 -12.81 -20.89 2.58
C LYS A 389 -11.44 -20.46 2.05
N PHE A 390 -10.48 -20.25 2.95
CA PHE A 390 -9.12 -19.93 2.53
C PHE A 390 -8.44 -21.12 1.86
N ARG A 391 -8.69 -22.33 2.37
CA ARG A 391 -8.09 -23.52 1.78
C ARG A 391 -8.67 -23.85 0.42
N GLU A 392 -9.86 -23.34 0.10
CA GLU A 392 -10.41 -23.53 -1.24
C GLU A 392 -9.74 -22.60 -2.25
N LYS A 393 -9.36 -21.40 -1.84
CA LYS A 393 -8.68 -20.49 -2.75
C LYS A 393 -7.26 -20.96 -3.05
N LEU A 394 -6.56 -21.48 -2.04
CA LEU A 394 -5.20 -21.95 -2.25
C LEU A 394 -5.16 -23.25 -3.04
N GLN A 395 -6.20 -24.07 -2.93
CA GLN A 395 -6.25 -25.31 -3.70
C GLN A 395 -6.55 -25.05 -5.16
N GLU A 396 -7.08 -23.87 -5.49
CA GLU A 396 -7.29 -23.51 -6.90
C GLU A 396 -5.98 -23.10 -7.55
N ILE A 397 -5.07 -22.49 -6.78
CA ILE A 397 -3.80 -22.02 -7.33
C ILE A 397 -2.92 -23.20 -7.72
N LYS A 398 -2.90 -24.25 -6.88
CA LYS A 398 -2.00 -25.39 -7.09
C LYS A 398 -2.32 -26.13 -8.38
N THR A 399 -3.59 -26.12 -8.81
CA THR A 399 -3.95 -26.75 -10.08
C THR A 399 -3.30 -26.05 -11.26
N LEU A 400 -3.27 -24.73 -11.24
CA LEU A 400 -2.68 -23.98 -12.34
C LEU A 400 -1.19 -23.72 -12.15
N ASN A 401 -0.67 -24.07 -11.00
CA ASN A 401 0.74 -23.79 -10.72
C ASN A 401 1.66 -24.84 -11.31
N GLN A 402 1.21 -26.08 -11.44
CA GLN A 402 2.01 -27.11 -12.08
C GLN A 402 2.24 -26.81 -13.56
N LYS A 403 1.22 -26.25 -14.22
CA LYS A 403 1.37 -25.86 -15.62
C LYS A 403 2.26 -24.63 -15.75
N GLU A 404 2.27 -23.76 -14.74
CA GLU A 404 3.12 -22.58 -14.78
C GLU A 404 4.58 -22.95 -14.60
N ALA A 405 4.87 -23.96 -13.78
CA ALA A 405 6.26 -24.35 -13.53
C ALA A 405 6.88 -25.02 -14.75
N VAL A 406 6.08 -25.78 -15.50
CA VAL A 406 6.56 -26.36 -16.75
C VAL A 406 6.88 -25.27 -17.75
N ALA A 407 6.01 -24.25 -17.85
CA ALA A 407 6.19 -23.17 -18.80
C ALA A 407 7.42 -22.32 -18.50
N TYR A 408 7.95 -22.38 -17.29
CA TYR A 408 9.23 -21.74 -17.01
C TYR A 408 10.41 -22.56 -17.56
N ALA A 409 10.29 -23.89 -17.56
CA ALA A 409 11.36 -24.72 -18.08
C ALA A 409 11.44 -24.65 -19.60
N VAL A 410 10.29 -24.61 -20.26
CA VAL A 410 10.28 -24.52 -21.73
C VAL A 410 10.77 -23.16 -22.17
N ASN A 411 10.42 -22.10 -21.42
CA ASN A 411 10.88 -20.76 -21.77
C ASN A 411 12.39 -20.62 -21.61
N SER A 412 12.96 -21.30 -20.62
CA SER A 412 14.41 -21.28 -20.47
C SER A 412 15.09 -22.14 -21.52
N TRP A 413 14.41 -23.17 -22.02
CA TRP A 413 14.97 -23.98 -23.09
C TRP A 413 15.02 -23.21 -24.41
N THR A 414 13.91 -22.55 -24.76
CA THR A 414 13.81 -21.90 -26.06
C THR A 414 14.73 -20.70 -26.16
N THR A 415 14.87 -19.94 -25.07
CA THR A 415 15.76 -18.78 -25.07
C THR A 415 17.22 -19.22 -25.18
N SER A 416 17.59 -20.31 -24.50
CA SER A 416 18.97 -20.76 -24.52
C SER A 416 19.34 -21.41 -25.85
N ILE A 417 18.45 -22.25 -26.39
CA ILE A 417 18.78 -22.98 -27.63
C ILE A 417 18.81 -22.02 -28.82
N SER A 418 17.82 -21.13 -28.93
CA SER A 418 17.78 -20.20 -30.05
C SER A 418 18.93 -19.20 -29.99
N GLY A 419 19.38 -18.84 -28.79
CA GLY A 419 20.54 -17.97 -28.68
C GLY A 419 21.82 -18.66 -29.11
N MET A 420 21.98 -19.92 -28.75
CA MET A 420 23.21 -20.64 -29.07
C MET A 420 23.25 -21.03 -30.54
N LEU A 421 22.09 -21.36 -31.11
CA LEU A 421 22.02 -21.73 -32.52
C LEU A 421 22.37 -20.55 -33.43
N LEU A 422 22.19 -19.32 -32.95
CA LEU A 422 22.59 -18.15 -33.72
C LEU A 422 24.12 -18.06 -33.81
N LYS A 423 24.82 -18.41 -32.74
CA LYS A 423 26.27 -18.25 -32.70
C LYS A 423 26.96 -19.20 -33.66
N VAL A 424 26.46 -20.43 -33.80
CA VAL A 424 27.09 -21.39 -34.70
C VAL A 424 26.70 -21.16 -36.15
N GLY A 425 25.61 -20.44 -36.40
CA GLY A 425 25.24 -20.13 -37.78
C GLY A 425 26.20 -19.16 -38.44
N ILE A 426 26.64 -18.15 -37.70
CA ILE A 426 27.53 -17.14 -38.27
C ILE A 426 28.98 -17.62 -38.29
N LEU A 427 29.35 -18.53 -37.39
CA LEU A 427 30.72 -19.04 -37.35
C LEU A 427 31.05 -19.89 -38.57
N TYR A 428 30.08 -20.67 -39.05
CA TYR A 428 30.33 -21.54 -40.20
C TYR A 428 30.53 -20.72 -41.47
N ILE A 429 29.71 -19.69 -41.67
CA ILE A 429 29.84 -18.83 -42.85
C ILE A 429 31.17 -18.07 -42.80
N GLY A 430 31.52 -17.53 -41.64
CA GLY A 430 32.78 -16.83 -41.49
C GLY A 430 33.98 -17.74 -41.64
N GLY A 431 33.89 -18.96 -41.10
CA GLY A 431 34.99 -19.89 -41.23
C GLY A 431 35.24 -20.33 -42.66
N GLN A 432 34.15 -20.50 -43.43
CA GLN A 432 34.29 -20.79 -44.86
C GLN A 432 34.85 -19.58 -45.60
N LEU A 433 34.47 -18.38 -45.17
CA LEU A 433 34.97 -17.17 -45.82
C LEU A 433 36.42 -16.90 -45.48
N VAL A 434 36.81 -17.13 -44.22
CA VAL A 434 38.17 -16.81 -43.79
C VAL A 434 39.17 -17.85 -44.25
N THR A 435 38.72 -19.05 -44.62
CA THR A 435 39.63 -20.06 -45.17
C THR A 435 39.81 -19.90 -46.67
N SER A 436 39.02 -19.05 -47.32
CA SER A 436 39.17 -18.77 -48.74
C SER A 436 40.05 -17.56 -49.01
N GLY A 437 40.61 -16.94 -47.97
CA GLY A 437 41.47 -15.80 -48.14
C GLY A 437 40.77 -14.49 -48.43
N ALA A 438 39.44 -14.45 -48.37
CA ALA A 438 38.72 -13.21 -48.66
C ALA A 438 38.94 -12.17 -47.57
N VAL A 439 38.88 -12.58 -46.31
CA VAL A 439 39.10 -11.69 -45.18
C VAL A 439 40.15 -12.33 -44.27
N SER A 440 40.84 -11.47 -43.52
CA SER A 440 41.82 -11.95 -42.56
C SER A 440 41.11 -12.51 -41.32
N SER A 441 41.86 -13.30 -40.54
CA SER A 441 41.31 -13.84 -39.31
C SER A 441 41.11 -12.78 -38.24
N GLY A 442 41.76 -11.62 -38.38
CA GLY A 442 41.54 -10.55 -37.43
C GLY A 442 40.14 -9.97 -37.52
N ASN A 443 39.62 -9.83 -38.73
CA ASN A 443 38.31 -9.23 -38.91
C ASN A 443 37.17 -10.15 -38.49
N LEU A 444 37.43 -11.46 -38.41
CA LEU A 444 36.39 -12.37 -37.96
C LEU A 444 36.18 -12.26 -36.45
N VAL A 445 37.23 -11.98 -35.70
CA VAL A 445 37.11 -11.84 -34.25
C VAL A 445 36.35 -10.56 -33.89
N THR A 446 36.60 -9.48 -34.63
CA THR A 446 35.85 -8.24 -34.39
C THR A 446 34.37 -8.43 -34.71
N PHE A 447 34.06 -9.15 -35.79
CA PHE A 447 32.67 -9.30 -36.20
C PHE A 447 31.89 -10.18 -35.23
N VAL A 448 32.50 -11.27 -34.74
CA VAL A 448 31.81 -12.14 -33.82
C VAL A 448 31.59 -11.44 -32.48
N LEU A 449 32.56 -10.64 -32.05
CA LEU A 449 32.40 -9.86 -30.82
C LEU A 449 31.34 -8.78 -30.98
N TYR A 450 31.14 -8.28 -32.20
CA TYR A 450 30.04 -7.34 -32.43
C TYR A 450 28.69 -8.04 -32.53
N GLN A 451 28.69 -9.32 -32.93
CA GLN A 451 27.44 -10.05 -33.09
C GLN A 451 26.73 -10.25 -31.76
N MET A 452 27.48 -10.60 -30.72
CA MET A 452 26.86 -10.80 -29.42
C MET A 452 26.41 -9.48 -28.80
N GLN A 453 27.15 -8.41 -29.03
CA GLN A 453 26.77 -7.11 -28.47
C GLN A 453 25.59 -6.50 -29.21
N PHE A 454 25.46 -6.77 -30.51
CA PHE A 454 24.30 -6.28 -31.24
C PHE A 454 23.05 -7.09 -30.92
N THR A 455 23.20 -8.40 -30.68
CA THR A 455 22.06 -9.23 -30.32
C THR A 455 21.53 -8.86 -28.94
N GLN A 456 22.44 -8.64 -27.98
CA GLN A 456 22.03 -8.24 -26.64
C GLN A 456 21.35 -6.88 -26.63
N ALA A 457 21.73 -5.98 -27.55
CA ALA A 457 21.09 -4.68 -27.61
C ALA A 457 19.68 -4.78 -28.20
N VAL A 458 19.37 -5.88 -28.88
CA VAL A 458 18.03 -6.05 -29.43
C VAL A 458 17.10 -6.68 -28.40
N GLU A 459 17.57 -7.71 -27.69
CA GLU A 459 16.72 -8.39 -26.72
C GLU A 459 16.47 -7.55 -25.47
N VAL A 460 17.37 -6.62 -25.14
CA VAL A 460 17.10 -5.67 -24.07
C VAL A 460 16.05 -4.67 -24.52
N LEU A 461 16.17 -4.17 -25.74
CA LEU A 461 15.22 -3.21 -26.28
C LEU A 461 13.86 -3.84 -26.52
N LEU A 462 13.80 -5.16 -26.70
CA LEU A 462 12.53 -5.84 -26.88
C LEU A 462 11.78 -6.03 -25.57
N SER A 463 12.49 -6.04 -24.44
CA SER A 463 11.82 -6.22 -23.15
C SER A 463 11.45 -4.88 -22.52
N ILE A 464 12.22 -3.83 -22.79
CA ILE A 464 11.93 -2.52 -22.23
C ILE A 464 10.67 -1.92 -22.84
N TYR A 465 10.49 -2.13 -24.15
CA TYR A 465 9.41 -1.48 -24.90
C TYR A 465 7.99 -1.77 -24.39
N PRO A 466 7.60 -3.00 -24.00
CA PRO A 466 6.28 -3.15 -23.37
C PRO A 466 6.13 -2.41 -22.06
N ARG A 467 7.21 -2.26 -21.28
CA ARG A 467 7.12 -1.55 -20.01
C ARG A 467 6.89 -0.06 -20.22
N VAL A 468 7.55 0.52 -21.22
CA VAL A 468 7.33 1.93 -21.54
C VAL A 468 5.93 2.14 -22.11
N GLN A 469 5.47 1.19 -22.94
CA GLN A 469 4.11 1.26 -23.49
C GLN A 469 3.07 1.13 -22.39
N LYS A 470 3.37 0.34 -21.36
CA LYS A 470 2.45 0.23 -20.23
C LYS A 470 2.38 1.53 -19.43
N ALA A 471 3.52 2.18 -19.22
CA ALA A 471 3.56 3.40 -18.42
C ALA A 471 2.81 4.54 -19.07
N VAL A 472 2.95 4.70 -20.38
CA VAL A 472 2.23 5.78 -21.07
C VAL A 472 0.75 5.46 -21.22
N GLY A 473 0.37 4.18 -21.12
CA GLY A 473 -1.05 3.85 -21.11
C GLY A 473 -1.74 4.32 -19.84
N SER A 474 -1.06 4.23 -18.71
CA SER A 474 -1.59 4.66 -17.43
C SER A 474 -1.39 6.15 -17.17
N SER A 475 -0.73 6.87 -18.08
CA SER A 475 -0.51 8.29 -17.89
C SER A 475 -1.70 9.14 -18.30
N GLU A 476 -2.71 8.55 -18.93
CA GLU A 476 -3.89 9.31 -19.31
C GLU A 476 -4.83 9.57 -18.14
N LYS A 477 -4.71 8.79 -17.06
CA LYS A 477 -5.54 9.04 -15.88
C LYS A 477 -5.03 10.26 -15.12
N ILE A 478 -3.72 10.47 -15.09
CA ILE A 478 -3.15 11.60 -14.37
C ILE A 478 -3.50 12.90 -15.07
N PHE A 479 -3.35 12.96 -16.39
CA PHE A 479 -3.56 14.20 -17.13
C PHE A 479 -5.03 14.55 -17.28
N GLU A 480 -5.92 13.56 -17.25
CA GLU A 480 -7.35 13.85 -17.19
C GLU A 480 -7.71 14.49 -15.86
N TYR A 481 -7.09 14.02 -14.77
CA TYR A 481 -7.30 14.59 -13.44
C TYR A 481 -6.81 16.03 -13.37
N LEU A 482 -5.71 16.34 -14.06
CA LEU A 482 -5.18 17.70 -14.04
C LEU A 482 -6.01 18.65 -14.91
N ASP A 483 -6.60 18.14 -15.99
CA ASP A 483 -7.25 18.99 -16.98
C ASP A 483 -8.71 19.27 -16.70
N ARG A 484 -9.32 18.60 -15.72
CA ARG A 484 -10.73 18.84 -15.43
C ARG A 484 -10.92 20.18 -14.73
N THR A 485 -12.05 20.83 -15.01
CA THR A 485 -12.27 22.17 -14.50
C THR A 485 -13.18 22.13 -13.28
N PRO A 486 -12.92 22.99 -12.29
CA PRO A 486 -13.80 23.04 -11.11
C PRO A 486 -15.16 23.63 -11.45
N ARG A 487 -16.16 23.22 -10.67
CA ARG A 487 -17.52 23.72 -10.82
C ARG A 487 -17.76 24.99 -10.00
N CYS A 488 -17.02 25.16 -8.91
CA CYS A 488 -17.19 26.32 -8.04
C CYS A 488 -16.75 27.60 -8.76
N PRO A 489 -17.39 28.73 -8.44
CA PRO A 489 -16.95 30.00 -9.03
C PRO A 489 -15.58 30.40 -8.50
N PRO A 490 -14.80 31.14 -9.28
CA PRO A 490 -13.46 31.53 -8.83
C PRO A 490 -13.52 32.60 -7.76
N SER A 491 -12.37 32.80 -7.10
CA SER A 491 -12.28 33.74 -6.00
C SER A 491 -12.40 35.17 -6.49
N GLY A 492 -12.87 36.04 -5.60
CA GLY A 492 -13.01 37.45 -5.91
C GLY A 492 -11.71 38.20 -5.74
N LEU A 493 -11.80 39.53 -5.94
CA LEU A 493 -10.64 40.40 -5.89
C LEU A 493 -10.71 41.48 -4.82
N LEU A 494 -11.88 41.72 -4.23
CA LEU A 494 -12.04 42.83 -3.30
C LEU A 494 -11.52 42.45 -1.92
N THR A 495 -10.71 43.33 -1.34
CA THR A 495 -10.21 43.18 0.03
C THR A 495 -10.39 44.50 0.76
N PRO A 496 -11.60 44.80 1.23
CA PRO A 496 -11.82 46.04 1.99
C PRO A 496 -11.13 45.99 3.35
N LEU A 497 -10.80 47.18 3.85
CA LEU A 497 -10.01 47.29 5.08
C LEU A 497 -10.81 46.87 6.31
N HIS A 498 -12.04 47.37 6.43
CA HIS A 498 -12.85 47.13 7.62
C HIS A 498 -14.21 46.58 7.22
N LEU A 499 -14.70 45.63 8.01
CA LEU A 499 -16.01 45.02 7.82
C LEU A 499 -16.89 45.33 9.03
N GLU A 500 -18.13 45.75 8.75
CA GLU A 500 -19.08 45.99 9.84
C GLU A 500 -19.58 44.69 10.43
N GLY A 501 -19.84 43.69 9.59
CA GLY A 501 -20.28 42.39 10.06
C GLY A 501 -21.73 42.05 9.79
N LEU A 502 -22.43 42.80 8.94
CA LEU A 502 -23.83 42.51 8.66
C LEU A 502 -23.94 41.46 7.56
N VAL A 503 -24.83 40.50 7.77
CA VAL A 503 -25.09 39.43 6.81
C VAL A 503 -26.58 39.15 6.79
N GLN A 504 -27.14 38.97 5.59
CA GLN A 504 -28.58 38.76 5.45
C GLN A 504 -28.86 37.69 4.40
N PHE A 505 -30.01 37.06 4.55
CA PHE A 505 -30.52 36.04 3.64
C PHE A 505 -31.75 36.59 2.92
N GLN A 506 -31.81 36.41 1.60
CA GLN A 506 -32.90 36.92 0.78
C GLN A 506 -33.59 35.75 0.10
N ASP A 507 -34.50 35.10 0.83
CA ASP A 507 -35.34 34.00 0.34
C ASP A 507 -34.52 32.90 -0.33
N VAL A 508 -33.47 32.47 0.37
CA VAL A 508 -32.58 31.47 -0.20
C VAL A 508 -33.25 30.09 -0.15
N SER A 509 -32.78 29.21 -1.02
CA SER A 509 -33.29 27.84 -1.08
C SER A 509 -32.16 26.98 -1.63
N PHE A 510 -31.52 26.21 -0.76
CA PHE A 510 -30.38 25.40 -1.13
C PHE A 510 -30.80 23.95 -1.30
N ALA A 511 -30.27 23.31 -2.33
CA ALA A 511 -30.40 21.87 -2.53
C ALA A 511 -29.01 21.30 -2.75
N TYR A 512 -28.80 20.10 -2.24
CA TYR A 512 -27.53 19.41 -2.47
C TYR A 512 -27.45 19.06 -3.95
N PRO A 513 -26.39 19.48 -4.67
CA PRO A 513 -26.31 19.14 -6.10
C PRO A 513 -26.06 17.67 -6.37
N ASN A 514 -25.68 16.89 -5.35
CA ASN A 514 -25.50 15.45 -5.53
C ASN A 514 -26.85 14.76 -5.71
N ARG A 515 -27.89 15.25 -5.04
CA ARG A 515 -29.27 14.84 -5.28
C ARG A 515 -30.12 16.10 -5.32
N PRO A 516 -30.14 16.81 -6.46
CA PRO A 516 -30.89 18.08 -6.53
C PRO A 516 -32.39 17.91 -6.55
N ASP A 517 -32.90 16.68 -6.58
CA ASP A 517 -34.33 16.43 -6.53
C ASP A 517 -34.93 16.71 -5.15
N VAL A 518 -34.09 16.80 -4.12
CA VAL A 518 -34.56 17.01 -2.75
C VAL A 518 -34.11 18.39 -2.30
N LEU A 519 -35.07 19.23 -1.91
CA LEU A 519 -34.79 20.56 -1.40
C LEU A 519 -34.53 20.47 0.11
N VAL A 520 -33.27 20.56 0.50
CA VAL A 520 -32.92 20.47 1.91
C VAL A 520 -33.37 21.73 2.65
N LEU A 521 -33.12 22.89 2.07
CA LEU A 521 -33.49 24.17 2.67
C LEU A 521 -34.29 24.99 1.67
N GLN A 522 -35.29 25.71 2.16
CA GLN A 522 -36.09 26.59 1.32
C GLN A 522 -36.70 27.69 2.17
N GLY A 523 -36.86 28.87 1.58
CA GLY A 523 -37.52 29.98 2.22
C GLY A 523 -36.89 30.52 3.48
N LEU A 524 -35.57 30.70 3.46
CA LEU A 524 -34.83 31.21 4.61
C LEU A 524 -34.54 32.68 4.43
N THR A 525 -34.84 33.48 5.46
CA THR A 525 -34.62 34.92 5.41
C THR A 525 -34.43 35.42 6.84
N PHE A 526 -33.21 35.80 7.17
CA PHE A 526 -32.95 36.50 8.42
C PHE A 526 -31.72 37.39 8.26
N THR A 527 -31.63 38.39 9.13
CA THR A 527 -30.51 39.33 9.13
C THR A 527 -29.77 39.26 10.45
N LEU A 528 -28.45 39.31 10.40
CA LEU A 528 -27.62 39.32 11.59
C LEU A 528 -26.90 40.66 11.70
N ARG A 529 -26.76 41.14 12.92
CA ARG A 529 -26.11 42.42 13.19
C ARG A 529 -25.05 42.23 14.27
N PRO A 530 -24.02 43.07 14.27
CA PRO A 530 -23.04 43.02 15.37
C PRO A 530 -23.70 43.36 16.70
N GLY A 531 -23.28 42.66 17.74
CA GLY A 531 -23.78 42.89 19.09
C GLY A 531 -25.01 42.10 19.46
N GLU A 532 -25.61 41.35 18.53
CA GLU A 532 -26.78 40.53 18.83
C GLU A 532 -26.47 39.08 18.52
N VAL A 533 -27.14 38.18 19.21
CA VAL A 533 -26.93 36.74 19.09
C VAL A 533 -28.19 36.13 18.50
N THR A 534 -28.02 35.38 17.42
CA THR A 534 -29.13 34.66 16.79
C THR A 534 -28.88 33.17 16.94
N ALA A 535 -29.86 32.47 17.51
CA ALA A 535 -29.74 31.05 17.78
C ALA A 535 -30.65 30.27 16.84
N LEU A 536 -30.11 29.22 16.23
CA LEU A 536 -30.88 28.33 15.37
C LEU A 536 -31.10 27.02 16.10
N VAL A 537 -32.36 26.63 16.27
CA VAL A 537 -32.71 25.44 17.02
C VAL A 537 -33.69 24.62 16.20
N GLY A 538 -33.76 23.33 16.50
CA GLY A 538 -34.65 22.42 15.82
C GLY A 538 -34.36 20.98 16.19
N PRO A 539 -35.08 20.04 15.57
CA PRO A 539 -34.83 18.62 15.86
C PRO A 539 -33.63 18.09 15.10
N ASN A 540 -33.38 16.78 15.21
CA ASN A 540 -32.31 16.15 14.44
C ASN A 540 -32.67 16.15 12.96
N GLY A 541 -31.68 16.45 12.13
CA GLY A 541 -31.94 16.60 10.71
C GLY A 541 -32.49 17.99 10.39
N SER A 542 -33.31 18.04 9.33
CA SER A 542 -33.98 19.26 8.87
C SER A 542 -33.01 20.38 8.51
N GLY A 543 -31.82 20.01 8.04
CA GLY A 543 -30.85 20.98 7.56
C GLY A 543 -30.31 21.94 8.60
N LYS A 544 -29.94 21.43 9.77
CA LYS A 544 -29.42 22.29 10.83
C LYS A 544 -28.03 22.82 10.47
N SER A 545 -27.06 21.92 10.29
CA SER A 545 -25.70 22.31 9.98
C SER A 545 -25.53 22.80 8.54
N THR A 546 -26.53 22.60 7.69
CA THR A 546 -26.43 23.04 6.30
C THR A 546 -26.43 24.56 6.19
N VAL A 547 -27.07 25.25 7.14
CA VAL A 547 -27.07 26.71 7.12
C VAL A 547 -25.66 27.24 7.40
N ALA A 548 -24.90 26.57 8.26
CA ALA A 548 -23.53 26.97 8.51
C ALA A 548 -22.63 26.72 7.29
N ALA A 549 -22.97 25.72 6.47
CA ALA A 549 -22.16 25.44 5.29
C ALA A 549 -22.30 26.54 4.25
N LEU A 550 -23.50 27.08 4.08
CA LEU A 550 -23.71 28.14 3.09
C LEU A 550 -23.06 29.45 3.50
N LEU A 551 -22.87 29.69 4.79
CA LEU A 551 -22.37 30.99 5.22
C LEU A 551 -20.88 31.15 4.96
N GLN A 552 -20.10 30.08 5.13
CA GLN A 552 -18.65 30.17 4.98
C GLN A 552 -18.18 29.76 3.59
N ASN A 553 -19.04 29.88 2.57
CA ASN A 553 -18.71 29.70 1.15
C ASN A 553 -18.17 28.30 0.88
N LEU A 554 -18.95 27.30 1.28
CA LEU A 554 -18.66 25.91 0.96
C LEU A 554 -19.52 25.36 -0.15
N TYR A 555 -20.70 25.95 -0.39
CA TYR A 555 -21.57 25.56 -1.48
C TYR A 555 -22.26 26.80 -2.02
N GLN A 556 -22.74 26.70 -3.25
CA GLN A 556 -23.48 27.88 -3.69
C GLN A 556 -24.98 27.66 -3.53
N PRO A 557 -25.72 28.71 -3.16
CA PRO A 557 -27.18 28.54 -3.01
C PRO A 557 -27.87 28.41 -4.37
N THR A 558 -28.81 27.47 -4.44
CA THR A 558 -29.56 27.28 -5.67
C THR A 558 -30.48 28.45 -5.96
N GLY A 559 -31.17 28.95 -4.93
CA GLY A 559 -32.03 30.10 -5.07
C GLY A 559 -31.70 31.16 -4.03
N GLY A 560 -32.24 32.36 -4.27
CA GLY A 560 -32.03 33.46 -3.36
C GLY A 560 -30.69 34.12 -3.52
N GLN A 561 -30.48 35.19 -2.75
CA GLN A 561 -29.24 35.96 -2.76
C GLN A 561 -28.67 36.02 -1.36
N LEU A 562 -27.34 35.96 -1.27
CA LEU A 562 -26.62 36.01 -0.02
C LEU A 562 -25.72 37.24 0.00
N LEU A 563 -25.80 38.01 1.08
CA LEU A 563 -25.16 39.32 1.15
C LEU A 563 -24.30 39.41 2.41
N LEU A 564 -23.06 39.86 2.25
CA LEU A 564 -22.16 40.13 3.37
C LEU A 564 -21.65 41.55 3.24
N ASP A 565 -22.08 42.42 4.16
CA ASP A 565 -21.76 43.85 4.15
C ASP A 565 -22.14 44.51 2.83
N GLY A 566 -23.30 44.11 2.30
CA GLY A 566 -23.78 44.64 1.04
C GLY A 566 -23.20 43.98 -0.20
N LYS A 567 -22.39 42.94 -0.05
CA LYS A 567 -21.75 42.28 -1.18
C LYS A 567 -21.98 40.78 -1.12
N PRO A 568 -22.06 40.11 -2.27
CA PRO A 568 -22.18 38.65 -2.28
C PRO A 568 -20.87 37.99 -1.87
N LEU A 569 -21.01 36.74 -1.39
CA LEU A 569 -19.85 36.00 -0.89
C LEU A 569 -18.81 35.66 -1.96
N PRO A 570 -19.15 35.11 -3.14
CA PRO A 570 -18.08 34.79 -4.11
C PRO A 570 -17.39 36.01 -4.68
N GLN A 571 -17.99 37.19 -4.58
CA GLN A 571 -17.32 38.42 -5.00
C GLN A 571 -16.14 38.77 -4.09
N TYR A 572 -16.15 38.27 -2.86
CA TYR A 572 -15.07 38.54 -1.91
C TYR A 572 -13.86 37.66 -2.19
N GLU A 573 -12.72 38.09 -1.68
CA GLU A 573 -11.49 37.32 -1.80
C GLU A 573 -11.55 36.08 -0.93
N HIS A 574 -10.92 35.00 -1.41
CA HIS A 574 -11.09 33.69 -0.78
C HIS A 574 -10.36 33.60 0.56
N ARG A 575 -9.11 34.06 0.62
CA ARG A 575 -8.37 33.96 1.87
C ARG A 575 -8.81 35.00 2.89
N TYR A 576 -9.21 36.19 2.43
CA TYR A 576 -9.60 37.24 3.36
C TYR A 576 -10.95 36.93 4.01
N LEU A 577 -11.89 36.36 3.25
CA LEU A 577 -13.21 36.06 3.78
C LEU A 577 -13.16 35.01 4.88
N HIS A 578 -12.37 33.95 4.69
CA HIS A 578 -12.28 32.91 5.71
C HIS A 578 -11.47 33.36 6.91
N ARG A 579 -10.67 34.41 6.77
CA ARG A 579 -10.00 35.00 7.93
C ARG A 579 -10.95 35.87 8.76
N GLN A 580 -12.07 36.30 8.19
CA GLN A 580 -13.06 37.08 8.91
C GLN A 580 -14.31 36.31 9.27
N VAL A 581 -14.46 35.08 8.78
CA VAL A 581 -15.57 34.21 9.14
C VAL A 581 -14.98 32.92 9.69
N ALA A 582 -15.23 32.66 10.97
CA ALA A 582 -14.72 31.48 11.65
C ALA A 582 -15.88 30.64 12.15
N ALA A 583 -15.71 29.32 12.11
CA ALA A 583 -16.77 28.39 12.46
C ALA A 583 -16.20 27.26 13.30
N VAL A 584 -17.09 26.62 14.07
CA VAL A 584 -16.76 25.43 14.85
C VAL A 584 -17.66 24.31 14.35
N GLY A 585 -17.05 23.21 13.92
CA GLY A 585 -17.80 22.12 13.33
C GLY A 585 -18.50 21.25 14.34
N GLN A 586 -19.32 20.33 13.83
CA GLN A 586 -19.96 19.33 14.69
C GLN A 586 -18.93 18.42 15.34
N GLU A 587 -18.06 17.84 14.52
CA GLU A 587 -16.93 17.04 15.01
C GLU A 587 -15.66 17.69 14.48
N PRO A 588 -15.02 18.57 15.26
CA PRO A 588 -13.85 19.29 14.75
C PRO A 588 -12.64 18.40 14.57
N GLN A 589 -12.26 18.16 13.32
CA GLN A 589 -11.08 17.35 13.04
C GLN A 589 -9.83 18.08 13.47
N VAL A 590 -8.85 17.32 13.97
CA VAL A 590 -7.55 17.87 14.33
C VAL A 590 -6.49 17.11 13.55
N PHE A 591 -5.39 17.78 13.25
CA PHE A 591 -4.32 17.22 12.45
C PHE A 591 -3.11 16.95 13.33
N GLY A 592 -2.21 16.09 12.84
CA GLY A 592 -1.04 15.80 13.63
C GLY A 592 0.08 16.78 13.38
N ARG A 593 0.15 17.82 14.20
CA ARG A 593 1.13 18.90 14.09
C ARG A 593 1.42 19.39 15.50
N SER A 594 2.23 20.44 15.60
CA SER A 594 2.45 21.08 16.88
C SER A 594 1.20 21.85 17.30
N LEU A 595 0.86 21.76 18.58
CA LEU A 595 -0.35 22.42 19.08
C LEU A 595 -0.21 23.94 19.10
N GLN A 596 1.02 24.46 19.12
CA GLN A 596 1.21 25.90 18.99
C GLN A 596 0.78 26.39 17.61
N GLU A 597 1.07 25.62 16.57
CA GLU A 597 0.66 25.98 15.23
C GLU A 597 -0.77 25.52 14.93
N ASN A 598 -1.20 24.43 15.57
CA ASN A 598 -2.55 23.92 15.38
C ASN A 598 -3.60 24.91 15.89
N ILE A 599 -3.28 25.65 16.95
CA ILE A 599 -4.17 26.70 17.43
C ILE A 599 -4.19 27.86 16.43
N ALA A 600 -3.05 28.18 15.85
CA ALA A 600 -2.91 29.30 14.91
C ALA A 600 -2.94 28.84 13.46
N TYR A 601 -3.79 27.86 13.16
CA TYR A 601 -3.89 27.28 11.83
C TYR A 601 -4.33 28.30 10.79
N GLY A 602 -3.68 28.27 9.64
CA GLY A 602 -4.15 28.95 8.44
C GLY A 602 -3.90 30.44 8.37
N LEU A 603 -3.17 31.01 9.33
CA LEU A 603 -2.94 32.45 9.31
C LEU A 603 -1.92 32.81 8.23
N THR A 604 -2.08 34.02 7.67
CA THR A 604 -1.15 34.50 6.66
C THR A 604 0.24 34.70 7.25
N GLN A 605 0.32 35.23 8.46
CA GLN A 605 1.58 35.42 9.16
C GLN A 605 1.53 34.70 10.50
N LYS A 606 2.69 34.32 10.99
CA LYS A 606 2.77 33.66 12.29
C LYS A 606 2.56 34.70 13.38
N PRO A 607 1.56 34.55 14.24
CA PRO A 607 1.39 35.50 15.35
C PRO A 607 2.43 35.28 16.42
N THR A 608 2.53 36.26 17.33
CA THR A 608 3.50 36.21 18.40
C THR A 608 3.03 35.24 19.49
N MET A 609 3.75 35.18 20.60
CA MET A 609 3.40 34.22 21.65
C MET A 609 2.25 34.69 22.53
N GLU A 610 1.97 35.99 22.54
CA GLU A 610 0.92 36.51 23.43
C GLU A 610 -0.46 36.12 22.97
N GLU A 611 -0.70 36.11 21.65
CA GLU A 611 -2.05 35.87 21.14
C GLU A 611 -2.50 34.44 21.38
N ILE A 612 -1.59 33.47 21.28
CA ILE A 612 -1.95 32.07 21.54
C ILE A 612 -2.30 31.89 23.00
N THR A 613 -1.57 32.56 23.91
CA THR A 613 -1.94 32.54 25.32
C THR A 613 -3.28 33.21 25.55
N ALA A 614 -3.53 34.33 24.85
CA ALA A 614 -4.81 35.03 24.99
C ALA A 614 -5.96 34.21 24.39
N ALA A 615 -5.70 33.48 23.31
CA ALA A 615 -6.72 32.62 22.75
C ALA A 615 -7.05 31.46 23.69
N ALA A 616 -6.03 30.92 24.36
CA ALA A 616 -6.27 29.88 25.36
C ALA A 616 -6.98 30.44 26.58
N VAL A 617 -6.77 31.73 26.88
CA VAL A 617 -7.46 32.36 28.00
C VAL A 617 -8.95 32.49 27.70
N LYS A 618 -9.30 32.92 26.48
CA LYS A 618 -10.70 33.14 26.12
C LYS A 618 -11.43 31.85 25.78
N SER A 619 -10.74 30.72 25.70
CA SER A 619 -11.37 29.46 25.33
C SER A 619 -11.49 28.47 26.48
N GLY A 620 -10.80 28.71 27.59
CA GLY A 620 -10.83 27.78 28.71
C GLY A 620 -9.94 26.58 28.55
N ALA A 621 -9.14 26.51 27.48
CA ALA A 621 -8.23 25.39 27.29
C ALA A 621 -6.92 25.55 28.05
N HIS A 622 -6.68 26.73 28.63
CA HIS A 622 -5.38 27.00 29.26
C HIS A 622 -5.21 26.18 30.53
N SER A 623 -6.31 25.79 31.18
CA SER A 623 -6.20 25.02 32.42
C SER A 623 -5.69 23.62 32.17
N PHE A 624 -5.91 23.07 30.98
CA PHE A 624 -5.46 21.73 30.64
C PHE A 624 -4.16 21.72 29.85
N ILE A 625 -4.00 22.63 28.87
CA ILE A 625 -2.83 22.61 28.01
C ILE A 625 -1.55 23.02 28.76
N SER A 626 -1.68 23.83 29.82
CA SER A 626 -0.49 24.21 30.58
C SER A 626 0.00 23.07 31.47
N GLY A 627 -0.84 22.08 31.73
CA GLY A 627 -0.44 20.90 32.50
C GLY A 627 0.26 19.82 31.70
N LEU A 628 0.40 20.01 30.39
CA LEU A 628 1.13 19.05 29.59
C LEU A 628 2.62 19.15 29.89
N PRO A 629 3.36 18.03 29.77
CA PRO A 629 4.81 18.09 29.99
C PRO A 629 5.55 19.01 29.02
N GLN A 630 5.08 19.11 27.77
CA GLN A 630 5.65 20.05 26.82
C GLN A 630 4.81 21.31 26.66
N GLY A 631 3.54 21.28 27.06
CA GLY A 631 2.69 22.46 26.99
C GLY A 631 2.22 22.80 25.59
N TYR A 632 2.62 23.97 25.10
CA TYR A 632 2.20 24.44 23.79
C TYR A 632 2.88 23.70 22.65
N ASP A 633 3.97 22.97 22.91
CA ASP A 633 4.70 22.24 21.90
C ASP A 633 4.42 20.74 21.96
N THR A 634 3.36 20.33 22.66
CA THR A 634 3.03 18.92 22.78
C THR A 634 2.54 18.38 21.46
N GLU A 635 3.23 17.36 20.94
CA GLU A 635 2.87 16.77 19.66
C GLU A 635 1.59 15.94 19.81
N VAL A 636 0.76 15.96 18.77
CA VAL A 636 -0.46 15.17 18.70
C VAL A 636 -0.37 14.30 17.45
N ASP A 637 -0.81 13.05 17.58
CA ASP A 637 -0.78 12.12 16.45
C ASP A 637 -2.09 12.24 15.66
N GLU A 638 -2.29 11.32 14.72
CA GLU A 638 -3.46 11.34 13.85
C GLU A 638 -4.73 11.00 14.63
N ALA A 639 -5.86 11.55 14.15
CA ALA A 639 -7.22 11.27 14.64
C ALA A 639 -7.44 11.70 16.08
N GLY A 640 -6.54 12.52 16.63
CA GLY A 640 -6.74 13.10 17.95
C GLY A 640 -6.79 12.11 19.10
N SER A 641 -5.83 11.18 19.15
CA SER A 641 -5.88 10.11 20.14
C SER A 641 -5.64 10.64 21.56
N GLN A 642 -4.64 11.52 21.71
CA GLN A 642 -4.25 12.04 23.03
C GLN A 642 -5.09 13.20 23.53
N LEU A 643 -6.39 13.18 23.23
CA LEU A 643 -7.28 14.25 23.68
C LEU A 643 -8.69 13.72 23.93
N SER A 644 -9.43 14.37 24.81
CA SER A 644 -10.80 13.95 25.08
C SER A 644 -11.76 14.72 24.18
N GLY A 645 -13.01 14.28 24.09
CA GLY A 645 -13.98 15.01 23.29
C GLY A 645 -14.16 16.44 23.76
N GLY A 646 -14.14 16.65 25.08
CA GLY A 646 -14.21 18.00 25.61
C GLY A 646 -12.97 18.81 25.30
N GLN A 647 -11.79 18.19 25.34
CA GLN A 647 -10.56 18.89 24.98
C GLN A 647 -10.50 19.15 23.49
N ARG A 648 -11.17 18.33 22.67
CA ARG A 648 -11.25 18.60 21.24
C ARG A 648 -12.12 19.81 20.96
N GLN A 649 -13.13 20.06 21.80
CA GLN A 649 -13.93 21.28 21.66
C GLN A 649 -13.13 22.51 22.05
N ALA A 650 -12.30 22.39 23.10
CA ALA A 650 -11.56 23.55 23.59
C ALA A 650 -10.44 23.94 22.65
N VAL A 651 -9.79 22.95 22.01
CA VAL A 651 -8.73 23.27 21.06
C VAL A 651 -9.31 23.89 19.79
N ALA A 652 -10.55 23.54 19.44
CA ALA A 652 -11.17 24.13 18.25
C ALA A 652 -11.66 25.55 18.50
N LEU A 653 -12.10 25.83 19.74
CA LEU A 653 -12.60 27.16 20.06
C LEU A 653 -11.52 28.22 19.99
N ALA A 654 -10.30 27.90 20.45
CA ALA A 654 -9.21 28.86 20.36
C ALA A 654 -8.75 29.05 18.92
N ARG A 655 -8.99 28.06 18.06
CA ARG A 655 -8.62 28.19 16.65
C ARG A 655 -9.49 29.21 15.94
N ALA A 656 -10.71 29.43 16.42
CA ALA A 656 -11.63 30.38 15.81
C ALA A 656 -11.60 31.74 16.47
N LEU A 657 -10.69 31.98 17.42
CA LEU A 657 -10.70 33.22 18.20
C LEU A 657 -9.47 34.08 17.97
N ILE A 658 -8.43 33.57 17.31
CA ILE A 658 -7.23 34.36 17.08
C ILE A 658 -7.49 35.46 16.06
N ARG A 659 -8.11 35.11 14.93
CA ARG A 659 -8.27 36.05 13.84
C ARG A 659 -9.33 37.11 14.12
N LYS A 660 -10.08 37.00 15.22
CA LYS A 660 -11.13 37.92 15.65
C LYS A 660 -12.18 38.03 14.55
N PRO A 661 -12.99 36.98 14.33
CA PRO A 661 -13.90 36.99 13.18
C PRO A 661 -15.04 37.98 13.35
N CYS A 662 -15.41 38.62 12.23
CA CYS A 662 -16.56 39.51 12.26
C CYS A 662 -17.86 38.75 12.39
N VAL A 663 -17.93 37.54 11.81
CA VAL A 663 -19.08 36.66 11.93
C VAL A 663 -18.58 35.34 12.49
N LEU A 664 -19.18 34.91 13.60
CA LEU A 664 -18.77 33.68 14.27
C LEU A 664 -19.91 32.67 14.21
N ILE A 665 -19.58 31.44 13.85
CA ILE A 665 -20.55 30.35 13.75
C ILE A 665 -20.23 29.34 14.84
N LEU A 666 -21.23 29.02 15.66
CA LEU A 666 -21.06 28.10 16.77
C LEU A 666 -22.07 26.97 16.61
N ASP A 667 -21.60 25.81 16.14
CA ASP A 667 -22.44 24.62 15.99
C ASP A 667 -21.90 23.55 16.93
N ASP A 668 -22.74 23.13 17.89
CA ASP A 668 -22.44 22.04 18.82
C ASP A 668 -21.16 22.30 19.60
N ALA A 669 -21.09 23.49 20.23
CA ALA A 669 -19.91 23.84 20.99
C ALA A 669 -19.83 23.09 22.32
N THR A 670 -20.98 22.67 22.86
CA THR A 670 -21.01 22.00 24.14
C THR A 670 -21.57 20.59 24.02
N SER A 671 -21.13 19.86 23.00
CA SER A 671 -21.52 18.46 22.87
C SER A 671 -20.97 17.62 24.02
N ALA A 672 -19.73 17.89 24.43
CA ALA A 672 -19.10 17.21 25.56
C ALA A 672 -18.47 18.20 26.52
N LEU A 673 -19.04 19.40 26.63
CA LEU A 673 -18.53 20.45 27.50
C LEU A 673 -19.50 20.66 28.64
N ASP A 674 -19.09 20.24 29.84
CA ASP A 674 -19.88 20.42 31.07
C ASP A 674 -18.96 20.91 32.18
N ALA A 675 -18.16 21.93 31.89
CA ALA A 675 -17.10 22.37 32.79
C ALA A 675 -16.99 23.89 32.70
N ASN A 676 -15.87 24.43 33.18
CA ASN A 676 -15.67 25.87 33.27
C ASN A 676 -15.60 26.53 31.91
N SER A 677 -15.18 25.81 30.88
CA SER A 677 -15.11 26.38 29.54
C SER A 677 -16.50 26.69 28.99
N GLN A 678 -17.53 25.98 29.44
CA GLN A 678 -18.90 26.33 29.09
C GLN A 678 -19.29 27.67 29.70
N LEU A 679 -18.82 27.95 30.92
CA LEU A 679 -19.05 29.26 31.53
C LEU A 679 -18.29 30.36 30.79
N GLN A 680 -17.12 30.04 30.24
CA GLN A 680 -16.40 31.01 29.42
C GLN A 680 -17.08 31.23 28.08
N VAL A 681 -17.84 30.23 27.60
CA VAL A 681 -18.56 30.37 26.34
C VAL A 681 -19.67 31.40 26.49
N GLU A 682 -20.46 31.31 27.56
CA GLU A 682 -21.54 32.27 27.77
C GLU A 682 -21.00 33.62 28.22
N GLN A 683 -19.85 33.65 28.88
CA GLN A 683 -19.20 34.92 29.21
C GLN A 683 -18.76 35.64 27.94
N LEU A 684 -18.22 34.90 26.98
CA LEU A 684 -17.86 35.49 25.69
C LEU A 684 -19.11 35.86 24.90
N LEU A 685 -20.19 35.10 25.06
CA LEU A 685 -21.37 35.29 24.24
C LEU A 685 -22.18 36.49 24.69
N TYR A 686 -22.22 36.76 26.00
CA TYR A 686 -23.23 37.68 26.54
C TYR A 686 -22.66 38.85 27.34
N GLU A 687 -21.43 38.77 27.84
CA GLU A 687 -20.92 39.83 28.70
C GLU A 687 -19.49 40.25 28.36
N SER A 688 -18.90 39.71 27.30
CA SER A 688 -17.57 40.16 26.90
C SER A 688 -17.67 41.53 26.24
N PRO A 689 -16.67 42.39 26.41
CA PRO A 689 -16.74 43.74 25.82
C PRO A 689 -16.57 43.77 24.31
N GLU A 690 -16.20 42.67 23.66
CA GLU A 690 -15.92 42.65 22.23
C GLU A 690 -17.08 42.13 21.40
N ARG A 691 -18.26 41.93 22.01
CA ARG A 691 -19.39 41.40 21.26
C ARG A 691 -19.97 42.42 20.28
N TYR A 692 -19.71 43.70 20.49
CA TYR A 692 -20.36 44.76 19.71
C TYR A 692 -19.81 44.87 18.29
N SER A 693 -18.72 44.17 17.97
CA SER A 693 -18.19 44.14 16.61
C SER A 693 -18.26 42.73 16.00
N ARG A 694 -19.03 41.83 16.62
CA ARG A 694 -19.14 40.46 16.16
C ARG A 694 -20.60 40.06 16.07
N SER A 695 -20.90 39.17 15.12
CA SER A 695 -22.23 38.59 14.97
C SER A 695 -22.11 37.08 15.13
N VAL A 696 -22.96 36.50 15.98
CA VAL A 696 -22.84 35.11 16.37
C VAL A 696 -24.08 34.34 15.92
N LEU A 697 -23.86 33.22 15.25
CA LEU A 697 -24.91 32.27 14.92
C LEU A 697 -24.65 31.02 15.76
N LEU A 698 -25.66 30.59 16.51
CA LEU A 698 -25.48 29.59 17.55
C LEU A 698 -26.41 28.40 17.28
N ILE A 699 -25.83 27.20 17.21
CA ILE A 699 -26.58 25.97 17.04
C ILE A 699 -26.12 25.00 18.13
N THR A 700 -26.81 25.03 19.27
CA THR A 700 -26.67 24.03 20.32
C THR A 700 -28.04 23.65 20.82
N GLN A 701 -28.12 22.47 21.44
CA GLN A 701 -29.36 21.95 21.99
C GLN A 701 -29.55 22.34 23.46
N HIS A 702 -28.63 23.10 24.04
CA HIS A 702 -28.75 23.53 25.42
C HIS A 702 -29.65 24.77 25.48
N LEU A 703 -30.76 24.67 26.19
CA LEU A 703 -31.75 25.74 26.23
C LEU A 703 -31.38 26.88 27.16
N SER A 704 -30.33 26.72 27.97
CA SER A 704 -29.91 27.81 28.85
C SER A 704 -29.37 28.99 28.06
N LEU A 705 -28.62 28.72 26.99
CA LEU A 705 -28.12 29.79 26.14
C LEU A 705 -29.18 30.33 25.19
N VAL A 706 -30.24 29.55 24.94
CA VAL A 706 -31.28 29.98 24.02
C VAL A 706 -32.11 31.10 24.64
N GLU A 707 -32.43 31.00 25.93
CA GLU A 707 -33.31 31.97 26.57
C GLU A 707 -32.68 33.33 26.72
N GLN A 708 -31.35 33.43 26.67
CA GLN A 708 -30.66 34.71 26.73
C GLN A 708 -30.31 35.27 25.36
N ALA A 709 -30.67 34.56 24.29
CA ALA A 709 -30.34 35.03 22.95
C ALA A 709 -31.24 36.19 22.53
N ASP A 710 -30.66 37.11 21.76
CA ASP A 710 -31.43 38.26 21.30
C ASP A 710 -32.49 37.85 20.28
N HIS A 711 -32.19 36.89 19.43
CA HIS A 711 -33.12 36.39 18.43
C HIS A 711 -33.08 34.86 18.44
N ILE A 712 -34.25 34.24 18.37
CA ILE A 712 -34.37 32.78 18.34
C ILE A 712 -35.31 32.41 17.21
N LEU A 713 -34.84 31.53 16.33
CA LEU A 713 -35.63 31.03 15.22
C LEU A 713 -35.76 29.52 15.31
N PHE A 714 -36.88 29.00 14.83
CA PHE A 714 -37.16 27.57 14.83
C PHE A 714 -36.99 27.02 13.42
N LEU A 715 -36.23 25.94 13.29
CA LEU A 715 -35.98 25.29 12.01
C LEU A 715 -36.61 23.91 12.00
N GLU A 716 -37.46 23.66 11.02
CA GLU A 716 -38.12 22.36 10.87
C GLU A 716 -38.54 22.21 9.42
N GLY A 717 -38.16 21.09 8.80
CA GLY A 717 -38.48 20.87 7.41
C GLY A 717 -37.73 21.73 6.44
N GLY A 718 -36.59 22.29 6.85
CA GLY A 718 -35.81 23.13 5.98
C GLY A 718 -36.42 24.48 5.68
N ALA A 719 -37.27 24.99 6.57
CA ALA A 719 -37.90 26.28 6.38
C ALA A 719 -38.13 26.95 7.72
N ILE A 720 -38.32 28.27 7.68
CA ILE A 720 -38.61 29.05 8.88
C ILE A 720 -40.08 28.89 9.23
N ARG A 721 -40.36 28.42 10.44
CA ARG A 721 -41.72 28.21 10.91
C ARG A 721 -42.17 29.29 11.90
N GLU A 722 -41.42 29.48 12.98
CA GLU A 722 -41.73 30.49 13.98
C GLU A 722 -40.51 31.38 14.20
N GLY A 723 -40.78 32.63 14.57
CA GLY A 723 -39.71 33.61 14.74
C GLY A 723 -40.06 34.64 15.78
N GLY A 724 -39.10 35.53 16.03
CA GLY A 724 -39.22 36.60 16.99
C GLY A 724 -38.13 36.50 18.02
N THR A 725 -38.31 37.23 19.12
CA THR A 725 -37.38 37.20 20.24
C THR A 725 -37.73 36.03 21.15
N HIS A 726 -37.15 35.99 22.34
CA HIS A 726 -37.43 34.89 23.26
C HIS A 726 -38.82 35.03 23.85
N GLN A 727 -39.09 36.12 24.58
CA GLN A 727 -40.34 36.28 25.31
C GLN A 727 -41.55 36.41 24.40
N GLN A 728 -41.35 36.73 23.12
CA GLN A 728 -42.45 36.81 22.18
C GLN A 728 -42.96 35.44 21.73
N LEU A 729 -42.31 34.35 22.13
CA LEU A 729 -42.59 33.06 21.51
C LEU A 729 -43.27 32.07 22.44
N MET A 730 -43.05 32.14 23.76
CA MET A 730 -43.86 31.29 24.63
C MET A 730 -45.29 31.80 24.76
N GLU A 731 -45.49 33.12 24.63
CA GLU A 731 -46.84 33.66 24.67
C GLU A 731 -47.66 33.21 23.46
N LYS A 732 -46.99 32.87 22.35
CA LYS A 732 -47.67 32.23 21.23
C LYS A 732 -47.98 30.77 21.51
N LYS A 733 -47.30 30.16 22.50
CA LYS A 733 -47.41 28.74 22.83
C LYS A 733 -47.15 27.85 21.61
N GLY A 734 -46.06 28.16 20.92
CA GLY A 734 -45.69 27.47 19.70
C GLY A 734 -44.88 26.22 19.96
N CYS A 735 -43.95 25.93 19.04
CA CYS A 735 -43.14 24.73 19.13
C CYS A 735 -42.08 24.81 20.22
N TYR A 736 -41.72 26.02 20.67
CA TYR A 736 -40.71 26.16 21.71
C TYR A 736 -41.26 25.63 23.04
N TRP A 737 -42.57 25.77 23.24
CA TRP A 737 -43.26 25.24 24.43
C TRP A 737 -43.19 23.72 24.53
N ALA A 738 -42.88 23.01 23.44
CA ALA A 738 -42.97 21.55 23.44
C ALA A 738 -41.88 20.91 24.29
N MET A 739 -40.61 21.14 23.94
CA MET A 739 -39.54 20.50 24.68
C MET A 739 -39.21 21.17 26.01
N VAL A 740 -39.71 22.38 26.25
CA VAL A 740 -39.53 23.01 27.56
C VAL A 740 -40.33 22.25 28.61
N GLN A 741 -41.59 21.94 28.30
CA GLN A 741 -42.41 21.14 29.21
C GLN A 741 -41.97 19.68 29.23
N ALA A 742 -41.23 19.23 28.21
CA ALA A 742 -40.74 17.85 28.16
C ALA A 742 -39.35 17.76 28.79
N GLN B 131 24.00 -14.99 15.71
CA GLN B 131 23.76 -15.52 17.05
C GLN B 131 23.09 -16.89 16.99
N VAL B 132 22.76 -17.43 18.17
CA VAL B 132 21.98 -18.66 18.24
C VAL B 132 20.53 -18.45 17.86
N ASN B 133 20.06 -17.20 17.86
CA ASN B 133 18.71 -16.91 17.38
C ASN B 133 18.61 -17.16 15.88
N ASN B 134 19.69 -16.90 15.14
CA ASN B 134 19.67 -17.21 13.71
C ASN B 134 19.82 -18.70 13.47
N LYS B 135 20.43 -19.43 14.41
CA LYS B 135 20.55 -20.89 14.25
C LYS B 135 19.21 -21.58 14.35
N VAL B 136 18.34 -21.16 15.27
CA VAL B 136 17.02 -21.79 15.35
C VAL B 136 16.18 -21.44 14.11
N LEU B 137 16.32 -20.22 13.60
CA LEU B 137 15.65 -19.85 12.35
C LEU B 137 16.21 -20.59 11.16
N MET B 138 17.48 -21.01 11.22
CA MET B 138 18.02 -21.90 10.20
C MET B 138 17.33 -23.25 10.22
N TRP B 139 17.22 -23.86 11.41
CA TRP B 139 16.64 -25.20 11.50
C TRP B 139 15.13 -25.20 11.41
N ARG B 140 14.47 -24.11 11.82
CA ARG B 140 13.01 -24.07 11.69
C ARG B 140 12.59 -23.91 10.24
N LEU B 141 13.35 -23.15 9.45
CA LEU B 141 13.03 -23.00 8.03
C LEU B 141 13.36 -24.25 7.23
N LEU B 142 14.32 -25.06 7.72
CA LEU B 142 14.61 -26.32 7.06
C LEU B 142 13.57 -27.38 7.38
N LYS B 143 13.01 -27.37 8.59
CA LYS B 143 11.93 -28.28 8.93
C LYS B 143 10.64 -27.96 8.18
N LEU B 144 10.51 -26.72 7.69
CA LEU B 144 9.35 -26.35 6.91
C LEU B 144 9.34 -27.03 5.55
N SER B 145 10.52 -27.24 4.97
CA SER B 145 10.65 -27.80 3.63
C SER B 145 11.02 -29.28 3.63
N ARG B 146 10.84 -29.97 4.77
CA ARG B 146 11.07 -31.41 4.80
C ARG B 146 10.15 -32.22 3.89
N PRO B 147 8.82 -31.95 3.78
CA PRO B 147 8.00 -32.79 2.87
C PRO B 147 8.20 -32.52 1.39
N ASP B 148 9.22 -31.76 1.01
CA ASP B 148 9.56 -31.52 -0.38
C ASP B 148 10.89 -32.18 -0.73
N LEU B 149 11.22 -33.26 -0.03
CA LEU B 149 12.50 -33.95 -0.23
C LEU B 149 12.70 -34.54 -1.63
N PRO B 150 11.73 -35.23 -2.27
CA PRO B 150 12.01 -35.73 -3.63
C PRO B 150 12.15 -34.64 -4.66
N LEU B 151 11.58 -33.46 -4.44
CA LEU B 151 11.76 -32.37 -5.40
C LEU B 151 13.11 -31.68 -5.24
N LEU B 152 13.58 -31.55 -4.00
CA LEU B 152 14.89 -30.92 -3.78
C LEU B 152 16.03 -31.80 -4.27
N VAL B 153 15.89 -33.13 -4.11
CA VAL B 153 16.93 -34.04 -4.56
C VAL B 153 17.03 -34.01 -6.08
N ALA B 154 15.90 -34.01 -6.78
CA ALA B 154 15.92 -33.91 -8.23
C ALA B 154 16.37 -32.52 -8.70
N ALA B 155 16.09 -31.48 -7.92
CA ALA B 155 16.56 -30.15 -8.30
C ALA B 155 18.04 -29.96 -8.02
N PHE B 156 18.54 -30.48 -6.89
CA PHE B 156 19.95 -30.36 -6.58
C PHE B 156 20.81 -31.27 -7.42
N PHE B 157 20.23 -32.32 -8.02
CA PHE B 157 20.95 -33.11 -9.00
C PHE B 157 21.24 -32.27 -10.24
N PHE B 158 20.21 -31.59 -10.76
CA PHE B 158 20.36 -30.79 -11.96
C PHE B 158 21.24 -29.56 -11.74
N LEU B 159 21.39 -29.13 -10.49
CA LEU B 159 22.33 -28.06 -10.17
C LEU B 159 23.76 -28.51 -10.41
N VAL B 160 24.13 -29.66 -9.85
CA VAL B 160 25.49 -30.18 -9.99
C VAL B 160 25.79 -30.59 -11.43
N LEU B 161 24.80 -31.15 -12.13
CA LEU B 161 25.00 -31.55 -13.52
C LEU B 161 25.23 -30.36 -14.43
N ALA B 162 24.58 -29.23 -14.15
CA ALA B 162 24.75 -28.05 -14.99
C ALA B 162 26.08 -27.34 -14.75
N VAL B 163 26.57 -27.33 -13.52
CA VAL B 163 27.81 -26.63 -13.20
C VAL B 163 29.00 -27.35 -13.82
N LEU B 164 29.03 -28.68 -13.73
CA LEU B 164 30.10 -29.45 -14.35
C LEU B 164 30.02 -29.37 -15.87
N GLY B 165 28.82 -29.18 -16.42
CA GLY B 165 28.68 -29.07 -17.86
C GLY B 165 29.29 -27.80 -18.43
N GLU B 166 29.14 -26.68 -17.72
CA GLU B 166 29.56 -25.40 -18.28
C GLU B 166 31.04 -25.17 -18.04
N THR B 167 31.60 -25.65 -16.93
CA THR B 167 32.99 -25.38 -16.59
C THR B 167 33.96 -26.07 -17.54
N LEU B 168 33.54 -27.18 -18.15
CA LEU B 168 34.41 -27.92 -19.07
C LEU B 168 34.36 -27.38 -20.49
N ILE B 169 33.41 -26.50 -20.81
CA ILE B 169 33.28 -25.95 -22.16
C ILE B 169 34.49 -25.10 -22.56
N PRO B 170 34.97 -24.12 -21.76
CA PRO B 170 36.15 -23.37 -22.23
C PRO B 170 37.43 -24.18 -22.23
N HIS B 171 37.50 -25.28 -21.49
CA HIS B 171 38.68 -26.14 -21.56
C HIS B 171 38.78 -26.81 -22.92
N TYR B 172 37.65 -27.23 -23.48
CA TYR B 172 37.65 -27.80 -24.82
C TYR B 172 37.75 -26.75 -25.90
N SER B 173 37.51 -25.48 -25.58
CA SER B 173 37.64 -24.42 -26.57
C SER B 173 39.09 -24.18 -26.94
N GLY B 174 39.98 -24.14 -25.95
CA GLY B 174 41.39 -23.97 -26.24
C GLY B 174 42.02 -25.22 -26.82
N ARG B 175 41.44 -26.39 -26.55
CA ARG B 175 42.00 -27.63 -27.08
C ARG B 175 41.72 -27.77 -28.57
N VAL B 176 40.64 -27.17 -29.07
CA VAL B 176 40.36 -27.18 -30.50
C VAL B 176 41.38 -26.32 -31.24
N ILE B 177 41.72 -25.16 -30.67
CA ILE B 177 42.68 -24.26 -31.30
C ILE B 177 44.08 -24.88 -31.33
N ASP B 178 44.48 -25.54 -30.24
CA ASP B 178 45.76 -26.24 -30.22
C ASP B 178 45.79 -27.40 -31.20
N ILE B 179 44.64 -28.06 -31.41
CA ILE B 179 44.53 -29.07 -32.47
C ILE B 179 44.66 -28.39 -33.83
N LEU B 180 44.12 -27.18 -33.96
CA LEU B 180 44.16 -26.45 -35.23
C LEU B 180 45.50 -25.78 -35.46
N GLY B 181 46.58 -26.55 -35.35
CA GLY B 181 47.92 -26.10 -35.71
C GLY B 181 48.70 -27.25 -36.30
N GLY B 182 48.01 -28.38 -36.50
CA GLY B 182 48.62 -29.57 -37.05
C GLY B 182 47.76 -30.20 -38.13
N ASP B 183 47.38 -31.46 -37.94
CA ASP B 183 46.58 -32.20 -38.89
C ASP B 183 45.14 -32.35 -38.39
N PHE B 184 44.23 -32.58 -39.34
CA PHE B 184 42.81 -32.78 -39.01
C PHE B 184 42.54 -34.27 -38.75
N ASP B 185 43.20 -34.80 -37.72
CA ASP B 185 43.06 -36.22 -37.42
C ASP B 185 41.74 -36.47 -36.68
N PRO B 186 40.94 -37.44 -37.12
CA PRO B 186 39.66 -37.73 -36.44
C PRO B 186 39.79 -38.10 -34.97
N HIS B 187 40.88 -38.74 -34.56
CA HIS B 187 40.97 -39.31 -33.21
C HIS B 187 41.10 -38.26 -32.12
N ALA B 188 41.39 -37.01 -32.47
CA ALA B 188 41.44 -35.95 -31.47
C ALA B 188 40.59 -34.74 -31.83
N PHE B 189 40.51 -34.37 -33.11
CA PHE B 189 39.71 -33.20 -33.50
C PHE B 189 38.22 -33.49 -33.38
N ALA B 190 37.78 -34.65 -33.89
CA ALA B 190 36.36 -34.98 -33.83
C ALA B 190 35.94 -35.32 -32.42
N SER B 191 36.88 -35.75 -31.57
CA SER B 191 36.56 -35.98 -30.17
C SER B 191 36.30 -34.66 -29.44
N ALA B 192 37.09 -33.63 -29.74
CA ALA B 192 36.90 -32.34 -29.08
C ALA B 192 35.64 -31.64 -29.55
N ILE B 193 35.27 -31.78 -30.83
CA ILE B 193 34.05 -31.18 -31.33
C ILE B 193 32.83 -31.85 -30.72
N PHE B 194 32.84 -33.18 -30.63
CA PHE B 194 31.71 -33.91 -30.06
C PHE B 194 31.53 -33.59 -28.58
N PHE B 195 32.64 -33.46 -27.86
CA PHE B 195 32.53 -33.09 -26.45
C PHE B 195 32.11 -31.64 -26.26
N MET B 196 32.28 -30.78 -27.25
CA MET B 196 31.76 -29.42 -27.17
C MET B 196 30.24 -29.41 -27.23
N CYS B 197 29.66 -30.12 -28.19
CA CYS B 197 28.21 -30.11 -28.35
C CYS B 197 27.51 -30.93 -27.29
N LEU B 198 28.17 -31.94 -26.74
CA LEU B 198 27.55 -32.74 -25.69
C LEU B 198 27.44 -31.96 -24.39
N PHE B 199 28.48 -31.21 -24.03
CA PHE B 199 28.43 -30.40 -22.82
C PHE B 199 27.60 -29.14 -23.00
N SER B 200 27.52 -28.62 -24.23
CA SER B 200 26.61 -27.51 -24.48
C SER B 200 25.16 -27.95 -24.42
N PHE B 201 24.87 -29.16 -24.92
CA PHE B 201 23.55 -29.75 -24.70
C PHE B 201 23.33 -30.07 -23.23
N GLY B 202 24.37 -30.60 -22.57
CA GLY B 202 24.22 -30.99 -21.17
C GLY B 202 24.03 -29.81 -20.24
N SER B 203 24.67 -28.67 -20.54
CA SER B 203 24.51 -27.51 -19.69
C SER B 203 23.16 -26.84 -19.90
N SER B 204 22.70 -26.74 -21.14
CA SER B 204 21.46 -26.03 -21.41
C SER B 204 20.23 -26.83 -21.02
N LEU B 205 20.26 -28.15 -21.25
CA LEU B 205 19.11 -28.99 -20.92
C LEU B 205 18.95 -29.14 -19.41
N SER B 206 20.06 -29.20 -18.69
CA SER B 206 19.98 -29.32 -17.23
C SER B 206 19.57 -28.01 -16.57
N ALA B 207 19.99 -26.87 -17.12
CA ALA B 207 19.61 -25.60 -16.53
C ALA B 207 18.13 -25.29 -16.72
N GLY B 208 17.53 -25.83 -17.78
CA GLY B 208 16.09 -25.68 -17.93
C GLY B 208 15.31 -26.46 -16.90
N CYS B 209 15.78 -27.66 -16.55
CA CYS B 209 15.07 -28.49 -15.58
C CYS B 209 15.39 -28.09 -14.15
N ARG B 210 16.43 -27.30 -13.92
CA ARG B 210 16.70 -26.83 -12.57
C ARG B 210 15.71 -25.76 -12.16
N GLY B 211 15.42 -24.81 -13.06
CA GLY B 211 14.42 -23.80 -12.77
C GLY B 211 13.01 -24.34 -12.76
N GLY B 212 12.77 -25.43 -13.48
CA GLY B 212 11.46 -26.05 -13.45
C GLY B 212 11.15 -26.69 -12.10
N CYS B 213 12.15 -27.32 -11.49
CA CYS B 213 11.92 -27.99 -10.21
C CYS B 213 12.09 -27.07 -9.02
N PHE B 214 12.62 -25.85 -9.23
CA PHE B 214 12.75 -24.91 -8.13
C PHE B 214 11.58 -23.94 -8.05
N THR B 215 10.98 -23.60 -9.19
CA THR B 215 9.79 -22.75 -9.17
C THR B 215 8.61 -23.48 -8.54
N TYR B 216 8.47 -24.78 -8.81
CA TYR B 216 7.41 -25.56 -8.18
C TYR B 216 7.65 -25.74 -6.68
N THR B 217 8.91 -25.80 -6.26
CA THR B 217 9.21 -25.93 -4.84
C THR B 217 8.86 -24.66 -4.07
N MET B 218 9.17 -23.50 -4.63
CA MET B 218 8.86 -22.24 -3.96
C MET B 218 7.35 -22.04 -3.83
N SER B 219 6.59 -22.42 -4.86
CA SER B 219 5.14 -22.30 -4.78
C SER B 219 4.55 -23.21 -3.72
N ARG B 220 5.09 -24.42 -3.58
CA ARG B 220 4.59 -25.34 -2.55
C ARG B 220 4.92 -24.84 -1.16
N ILE B 221 6.08 -24.21 -0.97
CA ILE B 221 6.42 -23.65 0.33
C ILE B 221 5.55 -22.42 0.62
N ASN B 222 5.29 -21.61 -0.41
CA ASN B 222 4.51 -20.39 -0.23
C ASN B 222 3.07 -20.69 0.16
N LEU B 223 2.47 -21.72 -0.44
CA LEU B 223 1.10 -22.08 -0.07
C LEU B 223 1.04 -22.79 1.27
N ARG B 224 2.13 -23.45 1.68
CA ARG B 224 2.13 -24.15 2.95
C ARG B 224 2.19 -23.19 4.12
N ILE B 225 3.03 -22.16 4.03
CA ILE B 225 3.18 -21.23 5.16
C ILE B 225 2.08 -20.19 5.19
N ARG B 226 1.37 -19.98 4.08
CA ARG B 226 0.22 -19.07 4.12
C ARG B 226 -0.95 -19.71 4.86
N GLU B 227 -1.23 -20.97 4.59
CA GLU B 227 -2.31 -21.67 5.27
C GLU B 227 -1.99 -21.90 6.74
N GLN B 228 -0.74 -22.24 7.05
CA GLN B 228 -0.36 -22.51 8.43
C GLN B 228 -0.38 -21.25 9.29
N LEU B 229 -0.05 -20.09 8.70
CA LEU B 229 -0.09 -18.85 9.45
C LEU B 229 -1.53 -18.40 9.70
N PHE B 230 -2.38 -18.48 8.68
CA PHE B 230 -3.76 -18.02 8.82
C PHE B 230 -4.56 -18.87 9.78
N SER B 231 -4.25 -20.16 9.87
CA SER B 231 -4.91 -21.01 10.86
C SER B 231 -4.49 -20.62 12.28
N SER B 232 -3.21 -20.28 12.46
CA SER B 232 -2.73 -19.90 13.78
C SER B 232 -3.15 -18.50 14.18
N LEU B 233 -3.37 -17.62 13.22
CA LEU B 233 -3.83 -16.27 13.52
C LEU B 233 -5.31 -16.24 13.88
N LEU B 234 -6.06 -17.29 13.58
CA LEU B 234 -7.49 -17.30 13.77
C LEU B 234 -7.91 -17.68 15.19
N ARG B 235 -6.99 -18.17 16.02
CA ARG B 235 -7.32 -18.61 17.37
C ARG B 235 -6.86 -17.65 18.44
N GLN B 236 -6.39 -16.47 18.07
CA GLN B 236 -5.92 -15.52 19.05
C GLN B 236 -7.10 -14.87 19.78
N ASP B 237 -6.82 -14.40 20.99
CA ASP B 237 -7.84 -13.73 21.79
C ASP B 237 -8.16 -12.37 21.18
N LEU B 238 -9.34 -11.85 21.53
CA LEU B 238 -9.86 -10.65 20.89
C LEU B 238 -9.08 -9.40 21.26
N GLY B 239 -8.29 -9.43 22.34
CA GLY B 239 -7.43 -8.30 22.66
C GLY B 239 -6.26 -8.15 21.71
N PHE B 240 -5.89 -9.22 21.01
CA PHE B 240 -4.79 -9.14 20.05
C PHE B 240 -5.17 -8.31 18.82
N PHE B 241 -6.40 -8.51 18.32
CA PHE B 241 -6.82 -7.81 17.11
C PHE B 241 -7.17 -6.35 17.36
N GLN B 242 -7.57 -6.02 18.59
CA GLN B 242 -7.83 -4.63 18.92
C GLN B 242 -6.52 -3.83 18.98
N GLU B 243 -5.48 -4.41 19.57
CA GLU B 243 -4.21 -3.70 19.69
C GLU B 243 -3.47 -3.65 18.36
N THR B 244 -3.46 -4.75 17.62
CA THR B 244 -2.75 -4.81 16.34
C THR B 244 -3.56 -4.15 15.24
N LYS B 245 -2.91 -3.28 14.47
CA LYS B 245 -3.55 -2.66 13.32
C LYS B 245 -3.71 -3.69 12.21
N THR B 246 -4.71 -3.47 11.36
CA THR B 246 -4.94 -4.38 10.23
C THR B 246 -3.95 -4.18 9.10
N GLY B 247 -3.19 -3.08 9.12
CA GLY B 247 -2.15 -2.89 8.12
C GLY B 247 -0.99 -3.85 8.31
N GLU B 248 -0.67 -4.17 9.55
CA GLU B 248 0.47 -5.04 9.83
C GLU B 248 0.17 -6.49 9.48
N LEU B 249 -1.05 -6.97 9.80
CA LEU B 249 -1.39 -8.36 9.53
C LEU B 249 -1.49 -8.66 8.05
N ASN B 250 -1.82 -7.64 7.23
CA ASN B 250 -1.85 -7.85 5.79
C ASN B 250 -0.45 -7.98 5.21
N SER B 251 0.52 -7.24 5.77
CA SER B 251 1.89 -7.33 5.27
C SER B 251 2.53 -8.66 5.63
N ARG B 252 2.21 -9.19 6.83
CA ARG B 252 2.75 -10.49 7.23
C ARG B 252 2.17 -11.61 6.37
N LEU B 253 0.89 -11.53 6.04
CA LEU B 253 0.24 -12.59 5.27
C LEU B 253 0.63 -12.55 3.80
N SER B 254 0.68 -11.36 3.20
CA SER B 254 0.83 -11.24 1.76
C SER B 254 2.28 -11.11 1.31
N SER B 255 3.06 -10.26 1.96
CA SER B 255 4.40 -9.94 1.48
C SER B 255 5.51 -10.67 2.24
N ASP B 256 5.34 -10.92 3.54
CA ASP B 256 6.40 -11.58 4.29
C ASP B 256 6.48 -13.08 4.01
N THR B 257 5.35 -13.71 3.66
CA THR B 257 5.39 -15.13 3.31
C THR B 257 6.12 -15.35 1.99
N THR B 258 5.98 -14.41 1.05
CA THR B 258 6.76 -14.48 -0.18
C THR B 258 8.25 -14.27 0.09
N LEU B 259 8.58 -13.42 1.06
CA LEU B 259 9.98 -13.10 1.32
C LEU B 259 10.67 -14.22 2.09
N MET B 260 9.91 -15.13 2.71
CA MET B 260 10.52 -16.25 3.41
C MET B 260 10.59 -17.51 2.57
N SER B 261 9.75 -17.62 1.54
CA SER B 261 9.80 -18.76 0.64
C SER B 261 10.89 -18.65 -0.41
N ASN B 262 11.61 -17.52 -0.44
CA ASN B 262 12.73 -17.33 -1.34
C ASN B 262 14.06 -17.77 -0.76
N TRP B 263 14.04 -18.36 0.44
CA TRP B 263 15.29 -18.71 1.10
C TRP B 263 15.96 -19.92 0.44
N LEU B 264 15.28 -21.05 0.44
CA LEU B 264 15.85 -22.28 -0.10
C LEU B 264 15.81 -22.38 -1.63
N PRO B 265 14.70 -22.11 -2.33
CA PRO B 265 14.76 -22.27 -3.80
C PRO B 265 15.52 -21.18 -4.52
N LEU B 266 15.77 -20.02 -3.91
CA LEU B 266 16.47 -18.95 -4.61
C LEU B 266 17.78 -18.56 -3.94
N ASN B 267 17.76 -18.23 -2.64
CA ASN B 267 18.96 -17.68 -2.01
C ASN B 267 19.98 -18.76 -1.69
N ALA B 268 19.52 -19.98 -1.38
CA ALA B 268 20.47 -21.08 -1.20
C ALA B 268 20.80 -21.77 -2.52
N ASN B 269 19.98 -21.57 -3.55
CA ASN B 269 20.28 -22.12 -4.87
C ASN B 269 21.41 -21.34 -5.54
N VAL B 270 21.32 -20.00 -5.51
CA VAL B 270 22.33 -19.18 -6.17
C VAL B 270 23.64 -19.24 -5.41
N LEU B 271 23.58 -19.24 -4.08
CA LEU B 271 24.79 -19.27 -3.27
C LEU B 271 25.57 -20.57 -3.46
N LEU B 272 24.87 -21.69 -3.55
CA LEU B 272 25.56 -22.97 -3.77
C LEU B 272 26.07 -23.08 -5.20
N ARG B 273 25.32 -22.57 -6.16
CA ARG B 273 25.74 -22.66 -7.56
C ARG B 273 26.96 -21.78 -7.82
N SER B 274 27.00 -20.60 -7.22
CA SER B 274 28.13 -19.69 -7.42
C SER B 274 29.37 -20.12 -6.65
N LEU B 275 29.20 -20.76 -5.49
CA LEU B 275 30.35 -21.13 -4.68
C LEU B 275 31.10 -22.32 -5.28
N VAL B 276 30.38 -23.27 -5.86
CA VAL B 276 31.02 -24.40 -6.50
C VAL B 276 31.72 -23.96 -7.78
N LYS B 277 31.08 -23.06 -8.54
CA LYS B 277 31.65 -22.60 -9.81
C LYS B 277 32.92 -21.80 -9.60
N VAL B 278 32.98 -20.99 -8.54
CA VAL B 278 34.18 -20.18 -8.27
C VAL B 278 35.37 -21.08 -7.97
N VAL B 279 35.15 -22.14 -7.19
CA VAL B 279 36.22 -23.08 -6.90
C VAL B 279 36.63 -23.83 -8.16
N GLY B 280 35.66 -24.16 -9.02
CA GLY B 280 35.99 -24.85 -10.25
C GLY B 280 36.81 -24.02 -11.23
N LEU B 281 36.55 -22.71 -11.28
CA LEU B 281 37.32 -21.84 -12.15
C LEU B 281 38.76 -21.70 -11.68
N TYR B 282 38.97 -21.61 -10.36
CA TYR B 282 40.31 -21.49 -9.84
C TYR B 282 41.04 -22.83 -9.82
N GLY B 283 40.30 -23.94 -9.91
CA GLY B 283 40.96 -25.23 -10.08
C GLY B 283 41.63 -25.37 -11.42
N PHE B 284 40.98 -24.88 -12.48
CA PHE B 284 41.55 -24.97 -13.81
C PHE B 284 42.65 -23.94 -14.03
N MET B 285 42.53 -22.77 -13.40
CA MET B 285 43.55 -21.73 -13.55
C MET B 285 44.88 -22.19 -12.96
N LEU B 286 44.84 -22.93 -11.86
CA LEU B 286 46.05 -23.49 -11.29
C LEU B 286 46.65 -24.56 -12.20
N SER B 287 45.82 -25.22 -13.01
CA SER B 287 46.33 -26.20 -13.95
C SER B 287 46.96 -25.55 -15.18
N ILE B 288 46.47 -24.37 -15.57
CA ILE B 288 47.00 -23.72 -16.77
C ILE B 288 48.34 -23.07 -16.49
N SER B 289 48.37 -22.14 -15.54
CA SER B 289 49.61 -21.46 -15.21
C SER B 289 49.58 -21.00 -13.76
N PRO B 290 50.36 -21.63 -12.87
CA PRO B 290 50.33 -21.24 -11.45
C PRO B 290 50.89 -19.85 -11.18
N ARG B 291 51.70 -19.30 -12.08
CA ARG B 291 52.21 -17.95 -11.88
C ARG B 291 51.15 -16.90 -12.18
N LEU B 292 50.36 -17.12 -13.23
CA LEU B 292 49.40 -16.13 -13.68
C LEU B 292 48.17 -16.05 -12.79
N THR B 293 47.73 -17.18 -12.20
CA THR B 293 46.55 -17.16 -11.35
C THR B 293 46.78 -16.50 -10.01
N LEU B 294 48.04 -16.23 -9.63
CA LEU B 294 48.28 -15.50 -8.38
C LEU B 294 47.93 -14.04 -8.52
N LEU B 295 48.07 -13.46 -9.71
CA LEU B 295 47.75 -12.06 -9.91
C LEU B 295 46.25 -11.82 -9.90
N SER B 296 45.43 -12.85 -10.14
CA SER B 296 43.99 -12.69 -9.98
C SER B 296 43.61 -12.54 -8.51
N LEU B 297 44.32 -13.25 -7.63
CA LEU B 297 44.00 -13.18 -6.20
C LEU B 297 44.43 -11.87 -5.57
N LEU B 298 45.31 -11.11 -6.21
CA LEU B 298 45.78 -9.86 -5.63
C LEU B 298 44.73 -8.77 -5.69
N HIS B 299 43.99 -8.64 -6.80
CA HIS B 299 42.96 -7.62 -6.91
C HIS B 299 41.61 -8.07 -6.38
N MET B 300 41.50 -9.35 -6.01
CA MET B 300 40.26 -9.87 -5.45
C MET B 300 39.78 -9.10 -4.21
N PRO B 301 40.65 -8.95 -3.19
CA PRO B 301 40.12 -8.30 -1.98
C PRO B 301 39.52 -6.92 -2.23
N PHE B 302 39.84 -6.26 -3.33
CA PHE B 302 39.17 -5.00 -3.63
C PHE B 302 37.74 -5.26 -4.11
N THR B 303 37.54 -6.28 -4.94
CA THR B 303 36.24 -6.54 -5.52
C THR B 303 35.23 -7.00 -4.46
N ILE B 304 35.69 -7.74 -3.46
CA ILE B 304 34.81 -8.11 -2.35
C ILE B 304 34.51 -6.90 -1.49
N ALA B 305 35.52 -6.05 -1.24
CA ALA B 305 35.32 -4.89 -0.37
C ALA B 305 34.46 -3.83 -1.04
N ALA B 306 34.64 -3.62 -2.34
CA ALA B 306 33.85 -2.61 -3.05
C ALA B 306 32.40 -3.02 -3.17
N GLU B 307 32.14 -4.31 -3.39
CA GLU B 307 30.77 -4.79 -3.48
C GLU B 307 30.07 -4.74 -2.13
N LYS B 308 30.81 -5.03 -1.05
CA LYS B 308 30.20 -5.02 0.28
C LYS B 308 29.89 -3.61 0.76
N VAL B 309 30.71 -2.63 0.37
CA VAL B 309 30.44 -1.25 0.75
C VAL B 309 29.21 -0.71 0.03
N TYR B 310 29.12 -0.97 -1.28
CA TYR B 310 28.01 -0.45 -2.08
C TYR B 310 26.68 -1.07 -1.67
N ASN B 311 26.68 -2.36 -1.35
CA ASN B 311 25.43 -3.00 -0.94
C ASN B 311 24.99 -2.53 0.44
N THR B 312 25.93 -2.11 1.29
CA THR B 312 25.57 -1.53 2.57
C THR B 312 24.95 -0.15 2.38
N ARG B 313 25.56 0.68 1.53
CA ARG B 313 25.05 2.03 1.31
C ARG B 313 23.72 2.04 0.58
N HIS B 314 23.52 1.11 -0.36
CA HIS B 314 22.30 1.10 -1.15
C HIS B 314 21.09 0.72 -0.30
N GLN B 315 21.26 -0.21 0.64
CA GLN B 315 20.15 -0.56 1.52
C GLN B 315 19.82 0.55 2.49
N GLU B 316 20.82 1.33 2.89
CA GLU B 316 20.60 2.47 3.79
C GLU B 316 19.77 3.55 3.11
N VAL B 317 20.03 3.82 1.82
CA VAL B 317 19.27 4.82 1.10
C VAL B 317 17.85 4.34 0.83
N LEU B 318 17.70 3.08 0.42
CA LEU B 318 16.38 2.55 0.09
C LEU B 318 15.48 2.46 1.32
N ARG B 319 16.06 2.40 2.51
CA ARG B 319 15.27 2.50 3.73
C ARG B 319 14.83 3.95 3.95
N GLU B 320 15.72 4.91 3.70
CA GLU B 320 15.38 6.31 3.88
C GLU B 320 14.37 6.80 2.85
N ILE B 321 14.34 6.16 1.68
CA ILE B 321 13.31 6.45 0.68
C ILE B 321 11.94 6.06 1.22
N GLN B 322 11.85 4.89 1.87
CA GLN B 322 10.59 4.40 2.38
C GLN B 322 10.02 5.29 3.49
N ASP B 323 10.91 5.89 4.28
CA ASP B 323 10.44 6.80 5.33
C ASP B 323 9.93 8.10 4.75
N ALA B 324 10.66 8.68 3.80
CA ALA B 324 10.28 9.98 3.26
C ALA B 324 9.13 9.90 2.28
N VAL B 325 8.89 8.73 1.68
CA VAL B 325 7.73 8.57 0.82
C VAL B 325 6.44 8.57 1.63
N ALA B 326 6.43 7.83 2.75
CA ALA B 326 5.26 7.81 3.62
C ALA B 326 5.08 9.12 4.37
N ARG B 327 6.14 9.93 4.49
CA ARG B 327 6.01 11.24 5.11
C ARG B 327 5.27 12.21 4.18
N ALA B 328 5.55 12.13 2.87
CA ALA B 328 4.82 12.96 1.92
C ALA B 328 3.37 12.50 1.79
N GLY B 329 3.13 11.19 1.87
CA GLY B 329 1.77 10.69 1.86
C GLY B 329 1.00 11.00 3.14
N GLN B 330 1.71 11.34 4.21
CA GLN B 330 1.03 11.78 5.43
C GLN B 330 0.54 13.22 5.29
N VAL B 331 1.19 14.03 4.46
CA VAL B 331 0.76 15.40 4.26
C VAL B 331 -0.55 15.44 3.47
N VAL B 332 -0.65 14.63 2.41
CA VAL B 332 -1.89 14.52 1.65
C VAL B 332 -2.95 13.74 2.42
N ARG B 333 -2.55 13.01 3.47
CA ARG B 333 -3.51 12.30 4.31
C ARG B 333 -4.44 13.27 5.02
N GLU B 334 -3.91 14.35 5.59
CA GLU B 334 -4.73 15.28 6.33
C GLU B 334 -5.53 16.20 5.41
N ALA B 335 -4.97 16.59 4.27
CA ALA B 335 -5.60 17.60 3.43
C ALA B 335 -6.81 17.05 2.68
N VAL B 336 -6.69 15.84 2.13
CA VAL B 336 -7.78 15.29 1.34
C VAL B 336 -8.94 14.86 2.22
N GLY B 337 -8.63 14.13 3.30
CA GLY B 337 -9.70 13.63 4.17
C GLY B 337 -10.40 14.75 4.92
N GLY B 338 -9.65 15.61 5.57
CA GLY B 338 -10.23 16.74 6.28
C GLY B 338 -10.25 18.01 5.46
N LEU B 339 -10.82 17.96 4.25
CA LEU B 339 -10.85 19.15 3.40
C LEU B 339 -11.81 20.20 3.93
N GLN B 340 -12.87 19.76 4.63
CA GLN B 340 -13.86 20.71 5.14
C GLN B 340 -13.25 21.67 6.16
N THR B 341 -12.33 21.17 6.98
CA THR B 341 -11.61 22.06 7.89
C THR B 341 -10.57 22.90 7.15
N VAL B 342 -10.02 22.37 6.05
CA VAL B 342 -9.01 23.11 5.29
C VAL B 342 -9.65 24.31 4.60
N ARG B 343 -10.78 24.09 3.93
CA ARG B 343 -11.45 25.18 3.23
C ARG B 343 -12.12 26.15 4.20
N SER B 344 -12.40 25.72 5.42
CA SER B 344 -13.01 26.61 6.41
C SER B 344 -12.02 27.67 6.91
N PHE B 345 -10.72 27.46 6.70
CA PHE B 345 -9.71 28.41 7.14
C PHE B 345 -8.85 28.95 6.01
N GLY B 346 -9.10 28.53 4.77
CA GLY B 346 -8.35 29.04 3.63
C GLY B 346 -6.89 28.65 3.62
N ALA B 347 -6.59 27.39 3.92
CA ALA B 347 -5.21 26.91 3.98
C ALA B 347 -4.89 25.94 2.84
N GLU B 348 -5.50 26.15 1.67
CA GLU B 348 -5.18 25.32 0.52
C GLU B 348 -3.77 25.60 0.01
N GLU B 349 -3.38 26.87 -0.04
CA GLU B 349 -2.02 27.21 -0.43
C GLU B 349 -1.01 26.83 0.65
N HIS B 350 -1.46 26.65 1.89
CA HIS B 350 -0.56 26.18 2.94
C HIS B 350 -0.24 24.70 2.77
N GLU B 351 -1.25 23.89 2.46
CA GLU B 351 -1.03 22.45 2.30
C GLU B 351 -0.28 22.14 1.01
N VAL B 352 -0.44 22.97 -0.02
CA VAL B 352 0.38 22.84 -1.22
C VAL B 352 1.83 23.16 -0.90
N CYS B 353 2.06 24.17 -0.05
CA CYS B 353 3.42 24.55 0.34
C CYS B 353 4.10 23.45 1.13
N ARG B 354 3.36 22.79 2.03
CA ARG B 354 3.98 21.72 2.82
C ARG B 354 4.21 20.46 2.01
N TYR B 355 3.35 20.18 1.02
CA TYR B 355 3.58 19.04 0.15
C TYR B 355 4.70 19.30 -0.85
N LYS B 356 4.85 20.55 -1.28
CA LYS B 356 5.97 20.89 -2.16
C LYS B 356 7.30 20.80 -1.43
N GLU B 357 7.30 21.10 -0.13
CA GLU B 357 8.52 20.98 0.66
C GLU B 357 8.85 19.53 0.99
N ALA B 358 7.82 18.71 1.21
CA ALA B 358 8.07 17.30 1.53
C ALA B 358 8.55 16.54 0.31
N LEU B 359 8.26 17.03 -0.90
CA LEU B 359 8.79 16.40 -2.09
C LEU B 359 10.26 16.75 -2.30
N GLU B 360 10.68 17.93 -1.84
CA GLU B 360 12.08 18.31 -1.98
C GLU B 360 12.99 17.46 -1.12
N GLN B 361 12.47 16.94 0.00
CA GLN B 361 13.25 16.01 0.81
C GLN B 361 13.37 14.66 0.11
N CYS B 362 12.34 14.23 -0.60
CA CYS B 362 12.42 12.99 -1.36
C CYS B 362 13.35 13.13 -2.55
N ARG B 363 13.32 14.28 -3.23
CA ARG B 363 14.11 14.48 -4.44
C ARG B 363 15.59 14.50 -4.16
N GLN B 364 16.01 14.98 -2.99
CA GLN B 364 17.42 14.95 -2.62
C GLN B 364 17.92 13.52 -2.44
N LEU B 365 17.08 12.65 -1.87
CA LEU B 365 17.48 11.27 -1.68
C LEU B 365 17.41 10.46 -2.98
N TYR B 366 16.50 10.83 -3.89
CA TYR B 366 16.46 10.17 -5.19
C TYR B 366 17.71 10.47 -6.00
N TRP B 367 18.21 11.71 -5.93
CA TRP B 367 19.44 12.06 -6.62
C TRP B 367 20.66 11.44 -5.97
N ARG B 368 20.64 11.29 -4.64
CA ARG B 368 21.78 10.69 -3.94
C ARG B 368 21.93 9.22 -4.28
N ARG B 369 20.82 8.51 -4.49
CA ARG B 369 20.90 7.10 -4.87
C ARG B 369 21.46 6.94 -6.27
N ASP B 370 21.06 7.81 -7.20
CA ASP B 370 21.49 7.68 -8.58
C ASP B 370 22.94 8.12 -8.77
N LEU B 371 23.42 9.07 -7.97
CA LEU B 371 24.83 9.47 -8.05
C LEU B 371 25.73 8.36 -7.53
N GLU B 372 25.35 7.73 -6.41
CA GLU B 372 26.16 6.65 -5.86
C GLU B 372 26.15 5.42 -6.77
N ARG B 373 25.01 5.14 -7.41
CA ARG B 373 24.92 4.00 -8.32
C ARG B 373 25.78 4.22 -9.56
N ALA B 374 25.73 5.42 -10.14
CA ALA B 374 26.52 5.69 -11.34
C ALA B 374 27.99 5.89 -11.05
N LEU B 375 28.35 6.15 -9.78
CA LEU B 375 29.76 6.18 -9.41
C LEU B 375 30.33 4.79 -9.26
N TYR B 376 29.52 3.83 -8.81
CA TYR B 376 30.00 2.46 -8.65
C TYR B 376 30.25 1.80 -9.99
N LEU B 377 29.45 2.11 -11.00
CA LEU B 377 29.65 1.54 -12.33
C LEU B 377 30.96 2.03 -12.94
N LEU B 378 31.30 3.30 -12.73
CA LEU B 378 32.55 3.84 -13.26
C LEU B 378 33.76 3.18 -12.60
N VAL B 379 33.65 2.88 -11.30
CA VAL B 379 34.72 2.16 -10.61
C VAL B 379 34.85 0.74 -11.16
N ARG B 380 33.73 0.08 -11.42
CA ARG B 380 33.76 -1.30 -11.91
C ARG B 380 34.31 -1.39 -13.33
N ARG B 381 34.02 -0.39 -14.15
CA ARG B 381 34.47 -0.44 -15.55
C ARG B 381 35.96 -0.15 -15.67
N VAL B 382 36.48 0.75 -14.84
CA VAL B 382 37.90 1.05 -14.86
C VAL B 382 38.71 -0.12 -14.31
N LEU B 383 38.22 -0.74 -13.22
CA LEU B 383 38.92 -1.88 -12.63
C LEU B 383 38.91 -3.10 -13.54
N HIS B 384 37.79 -3.33 -14.23
CA HIS B 384 37.71 -4.46 -15.16
C HIS B 384 38.71 -4.31 -16.30
N LEU B 385 38.86 -3.10 -16.82
CA LEU B 385 39.88 -2.85 -17.83
C LEU B 385 41.29 -2.99 -17.24
N GLY B 386 41.45 -2.62 -15.96
CA GLY B 386 42.77 -2.67 -15.35
C GLY B 386 43.32 -4.09 -15.22
N VAL B 387 42.46 -5.04 -14.84
CA VAL B 387 42.93 -6.42 -14.71
C VAL B 387 43.02 -7.10 -16.08
N GLN B 388 42.31 -6.60 -17.09
CA GLN B 388 42.41 -7.19 -18.41
C GLN B 388 43.73 -6.83 -19.08
N MET B 389 44.26 -5.64 -18.80
CA MET B 389 45.54 -5.24 -19.38
C MET B 389 46.72 -5.89 -18.66
N LEU B 390 46.58 -6.13 -17.35
CA LEU B 390 47.65 -6.73 -16.58
C LEU B 390 47.91 -8.17 -17.01
N MET B 391 46.87 -8.89 -17.42
CA MET B 391 47.00 -10.28 -17.79
C MET B 391 47.23 -10.47 -19.28
N LEU B 392 46.76 -9.53 -20.11
CA LEU B 392 47.10 -9.59 -21.54
C LEU B 392 48.57 -9.25 -21.76
N SER B 393 49.13 -8.36 -20.93
CA SER B 393 50.53 -7.99 -21.08
C SER B 393 51.46 -9.05 -20.48
N CYS B 394 51.25 -9.39 -19.21
CA CYS B 394 52.12 -10.35 -18.55
C CYS B 394 51.92 -11.76 -19.08
N GLY B 395 50.70 -12.11 -19.46
CA GLY B 395 50.46 -13.42 -20.06
C GLY B 395 51.14 -13.58 -21.40
N LEU B 396 51.16 -12.52 -22.21
CA LEU B 396 51.86 -12.56 -23.49
C LEU B 396 53.37 -12.69 -23.30
N GLN B 397 53.92 -12.03 -22.28
CA GLN B 397 55.35 -12.12 -22.01
C GLN B 397 55.72 -13.53 -21.56
N GLN B 398 54.82 -14.21 -20.85
CA GLN B 398 55.06 -15.60 -20.48
C GLN B 398 54.94 -16.54 -21.67
N MET B 399 54.05 -16.22 -22.61
CA MET B 399 53.83 -17.12 -23.74
C MET B 399 54.97 -17.05 -24.74
N GLN B 400 55.62 -15.89 -24.87
CA GLN B 400 56.77 -15.77 -25.75
C GLN B 400 57.98 -16.54 -25.23
N ASP B 401 58.00 -16.88 -23.93
CA ASP B 401 59.05 -17.70 -23.36
C ASP B 401 58.77 -19.19 -23.50
N GLY B 402 57.64 -19.57 -24.10
CA GLY B 402 57.35 -20.95 -24.41
C GLY B 402 56.67 -21.75 -23.32
N GLU B 403 56.32 -21.13 -22.20
CA GLU B 403 55.67 -21.84 -21.11
C GLU B 403 54.17 -21.92 -21.27
N LEU B 404 53.60 -21.26 -22.27
CA LEU B 404 52.17 -21.31 -22.52
C LEU B 404 51.93 -21.41 -24.03
N THR B 405 50.84 -22.08 -24.38
CA THR B 405 50.43 -22.20 -25.78
C THR B 405 49.30 -21.23 -26.07
N GLN B 406 48.99 -21.08 -27.35
CA GLN B 406 47.88 -20.22 -27.75
C GLN B 406 46.54 -20.78 -27.30
N GLY B 407 46.40 -22.11 -27.29
CA GLY B 407 45.19 -22.71 -26.78
C GLY B 407 45.00 -22.50 -25.30
N SER B 408 46.09 -22.63 -24.53
CA SER B 408 45.97 -22.47 -23.08
C SER B 408 45.82 -21.02 -22.67
N LEU B 409 46.20 -20.09 -23.54
CA LEU B 409 45.96 -18.68 -23.25
C LEU B 409 44.49 -18.32 -23.45
N LEU B 410 43.87 -18.86 -24.50
CA LEU B 410 42.45 -18.60 -24.74
C LEU B 410 41.58 -19.21 -23.65
N SER B 411 41.95 -20.41 -23.17
CA SER B 411 41.22 -21.01 -22.07
C SER B 411 41.44 -20.25 -20.77
N PHE B 412 42.55 -19.54 -20.65
CA PHE B 412 42.79 -18.75 -19.44
C PHE B 412 41.98 -17.46 -19.45
N MET B 413 41.81 -16.85 -20.61
CA MET B 413 41.15 -15.54 -20.67
C MET B 413 39.64 -15.66 -20.54
N ILE B 414 39.05 -16.77 -20.99
CA ILE B 414 37.60 -16.94 -20.89
C ILE B 414 37.19 -17.13 -19.43
N TYR B 415 38.00 -17.87 -18.66
CA TYR B 415 37.71 -18.09 -17.25
C TYR B 415 37.77 -16.79 -16.47
N GLN B 416 38.73 -15.93 -16.79
CA GLN B 416 39.00 -14.74 -15.98
C GLN B 416 37.89 -13.70 -16.08
N GLU B 417 37.29 -13.55 -17.26
CA GLU B 417 36.13 -12.69 -17.39
C GLU B 417 34.95 -13.21 -16.58
N SER B 418 34.89 -14.54 -16.37
CA SER B 418 33.78 -15.15 -15.65
C SER B 418 33.99 -15.20 -14.15
N VAL B 419 35.24 -15.18 -13.67
CA VAL B 419 35.48 -15.33 -12.24
C VAL B 419 35.20 -14.02 -11.50
N GLY B 420 35.22 -12.88 -12.20
CA GLY B 420 34.88 -11.63 -11.55
C GLY B 420 33.38 -11.44 -11.40
N SER B 421 32.60 -12.02 -12.32
CA SER B 421 31.16 -11.82 -12.28
C SER B 421 30.49 -12.76 -11.28
N TYR B 422 31.20 -13.76 -10.78
CA TYR B 422 30.61 -14.69 -9.83
C TYR B 422 30.91 -14.30 -8.38
N VAL B 423 31.98 -13.53 -8.15
CA VAL B 423 32.24 -13.02 -6.82
C VAL B 423 31.21 -11.95 -6.45
N GLN B 424 30.86 -11.10 -7.41
CA GLN B 424 29.87 -10.05 -7.15
C GLN B 424 28.50 -10.63 -6.85
N THR B 425 28.11 -11.69 -7.55
CA THR B 425 26.82 -12.33 -7.28
C THR B 425 26.82 -13.00 -5.91
N LEU B 426 27.94 -13.62 -5.53
CA LEU B 426 28.01 -14.33 -4.26
C LEU B 426 27.90 -13.38 -3.07
N VAL B 427 28.54 -12.22 -3.15
CA VAL B 427 28.47 -11.25 -2.05
C VAL B 427 27.08 -10.62 -1.98
N TYR B 428 26.49 -10.32 -3.14
CA TYR B 428 25.17 -9.67 -3.16
C TYR B 428 24.09 -10.60 -2.62
N ILE B 429 24.13 -11.88 -2.98
CA ILE B 429 23.10 -12.81 -2.55
C ILE B 429 23.20 -13.08 -1.05
N TYR B 430 24.42 -13.21 -0.53
CA TYR B 430 24.58 -13.44 0.90
C TYR B 430 24.10 -12.26 1.73
N GLY B 431 24.15 -11.05 1.17
CA GLY B 431 23.50 -9.93 1.81
C GLY B 431 21.99 -10.06 1.83
N ASP B 432 21.41 -10.60 0.76
CA ASP B 432 19.97 -10.74 0.67
C ASP B 432 19.44 -11.94 1.46
N MET B 433 20.30 -12.90 1.81
CA MET B 433 19.85 -14.03 2.61
C MET B 433 19.54 -13.60 4.03
N LEU B 434 20.23 -12.58 4.54
CA LEU B 434 19.96 -12.08 5.87
C LEU B 434 18.64 -11.33 5.96
N SER B 435 18.19 -10.73 4.85
CA SER B 435 16.88 -10.09 4.85
C SER B 435 15.75 -11.10 4.79
N ASN B 436 15.98 -12.25 4.15
CA ASN B 436 14.95 -13.29 4.09
C ASN B 436 14.71 -13.91 5.45
N VAL B 437 15.78 -14.09 6.24
CA VAL B 437 15.62 -14.58 7.60
C VAL B 437 14.97 -13.52 8.49
N GLY B 438 15.38 -12.26 8.32
CA GLY B 438 14.80 -11.17 9.09
C GLY B 438 13.34 -10.95 8.79
N ALA B 439 12.93 -11.15 7.55
CA ALA B 439 11.51 -11.08 7.20
C ALA B 439 10.76 -12.36 7.58
N ALA B 440 11.47 -13.42 7.93
CA ALA B 440 10.85 -14.64 8.41
C ALA B 440 10.81 -14.71 9.93
N GLU B 441 11.30 -13.70 10.63
CA GLU B 441 11.21 -13.67 12.09
C GLU B 441 9.99 -12.91 12.58
N LYS B 442 9.41 -12.04 11.74
CA LYS B 442 8.14 -11.43 12.11
C LYS B 442 7.00 -12.43 12.06
N VAL B 443 7.01 -13.32 11.08
CA VAL B 443 5.95 -14.30 10.93
C VAL B 443 6.02 -15.36 12.03
N PHE B 444 7.23 -15.85 12.32
CA PHE B 444 7.37 -16.87 13.35
C PHE B 444 7.11 -16.34 14.76
N SER B 445 7.10 -15.02 14.94
CA SER B 445 6.70 -14.47 16.23
C SER B 445 5.19 -14.27 16.33
N TYR B 446 4.52 -14.03 15.19
CA TYR B 446 3.06 -13.92 15.21
C TYR B 446 2.42 -15.29 15.37
N MET B 447 3.00 -16.31 14.76
CA MET B 447 2.44 -17.66 14.82
C MET B 447 2.62 -18.28 16.20
N ASP B 448 3.71 -17.97 16.88
CA ASP B 448 4.03 -18.60 18.16
C ASP B 448 3.58 -17.79 19.37
N ARG B 449 2.81 -16.72 19.18
CA ARG B 449 2.30 -15.96 20.31
C ARG B 449 1.17 -16.72 20.99
N GLN B 450 1.27 -16.88 22.31
CA GLN B 450 0.27 -17.65 23.06
C GLN B 450 -1.01 -16.85 23.20
N PRO B 451 -2.16 -17.43 22.84
CA PRO B 451 -3.43 -16.73 23.04
C PRO B 451 -3.85 -16.74 24.50
N ASN B 452 -4.48 -15.64 24.91
CA ASN B 452 -4.99 -15.51 26.28
C ASN B 452 -6.46 -15.88 26.28
N LEU B 453 -6.71 -17.18 26.34
CA LEU B 453 -8.05 -17.75 26.34
C LEU B 453 -8.18 -18.75 27.47
N PRO B 454 -9.40 -18.95 27.97
CA PRO B 454 -9.63 -20.03 28.94
C PRO B 454 -9.53 -21.39 28.28
N SER B 455 -9.44 -22.42 29.13
CA SER B 455 -9.39 -23.78 28.63
C SER B 455 -10.72 -24.15 27.99
N PRO B 456 -10.72 -24.85 26.86
CA PRO B 456 -11.97 -25.20 26.19
C PRO B 456 -12.78 -26.22 27.00
N GLY B 457 -14.10 -26.11 26.87
CA GLY B 457 -14.99 -27.01 27.58
C GLY B 457 -15.63 -28.03 26.67
N THR B 458 -16.05 -29.16 27.25
CA THR B 458 -16.69 -30.23 26.49
C THR B 458 -18.11 -30.50 26.98
N LEU B 459 -18.64 -29.68 27.87
CA LEU B 459 -19.98 -29.90 28.41
C LEU B 459 -21.01 -29.39 27.42
N ALA B 460 -21.83 -30.29 26.89
CA ALA B 460 -22.97 -29.93 26.04
C ALA B 460 -24.21 -30.69 26.50
N PRO B 461 -24.86 -30.26 27.59
CA PRO B 461 -26.11 -30.91 27.99
C PRO B 461 -27.23 -30.62 26.99
N THR B 462 -28.14 -31.58 26.86
CA THR B 462 -29.35 -31.36 26.09
C THR B 462 -30.40 -30.55 26.85
N THR B 463 -30.32 -30.52 28.18
CA THR B 463 -31.22 -29.74 29.01
C THR B 463 -30.64 -28.33 29.15
N LEU B 464 -31.20 -27.39 28.39
CA LEU B 464 -30.67 -26.04 28.27
C LEU B 464 -31.79 -25.02 28.42
N GLN B 465 -32.54 -25.12 29.52
CA GLN B 465 -33.67 -24.23 29.77
C GLN B 465 -33.29 -22.75 29.77
N GLY B 466 -32.03 -22.42 30.08
CA GLY B 466 -31.55 -21.06 29.89
C GLY B 466 -31.66 -20.13 31.09
N VAL B 467 -31.10 -20.54 32.21
CA VAL B 467 -31.02 -19.68 33.39
C VAL B 467 -29.68 -18.96 33.36
N VAL B 468 -29.71 -17.64 33.30
CA VAL B 468 -28.52 -16.80 33.25
C VAL B 468 -28.41 -16.05 34.57
N LYS B 469 -27.28 -16.19 35.25
CA LYS B 469 -27.05 -15.52 36.53
C LYS B 469 -25.74 -14.75 36.46
N PHE B 470 -25.79 -13.49 36.90
CA PHE B 470 -24.60 -12.65 37.04
C PHE B 470 -24.36 -12.44 38.52
N GLN B 471 -23.10 -12.58 38.96
CA GLN B 471 -22.76 -12.53 40.38
C GLN B 471 -21.54 -11.62 40.57
N ASP B 472 -21.81 -10.32 40.80
CA ASP B 472 -20.78 -9.34 41.16
C ASP B 472 -19.66 -9.27 40.13
N VAL B 473 -20.03 -9.18 38.85
CA VAL B 473 -19.03 -9.19 37.80
C VAL B 473 -18.33 -7.84 37.71
N SER B 474 -17.03 -7.89 37.41
CA SER B 474 -16.24 -6.68 37.21
C SER B 474 -15.27 -6.96 36.07
N PHE B 475 -15.27 -6.09 35.07
CA PHE B 475 -14.48 -6.32 33.86
C PHE B 475 -13.60 -5.12 33.57
N ALA B 476 -12.36 -5.41 33.21
CA ALA B 476 -11.42 -4.41 32.71
C ALA B 476 -10.87 -4.91 31.38
N TYR B 477 -10.75 -4.00 30.42
CA TYR B 477 -10.29 -4.39 29.09
C TYR B 477 -8.82 -4.77 29.13
N PRO B 478 -8.43 -5.87 28.48
CA PRO B 478 -7.00 -6.27 28.47
C PRO B 478 -6.11 -5.25 27.79
N ASN B 479 -6.60 -4.54 26.78
CA ASN B 479 -5.77 -3.54 26.11
C ASN B 479 -5.55 -2.31 26.99
N ARG B 480 -6.53 -1.95 27.80
CA ARG B 480 -6.44 -0.79 28.70
C ARG B 480 -6.82 -1.25 30.10
N PRO B 481 -5.89 -1.80 30.85
CA PRO B 481 -6.20 -2.33 32.18
C PRO B 481 -6.36 -1.19 33.20
N ASP B 482 -6.63 -1.60 34.45
CA ASP B 482 -6.87 -0.72 35.62
C ASP B 482 -7.84 0.42 35.32
N ARG B 483 -8.78 0.19 34.40
CA ARG B 483 -9.83 1.15 34.06
C ARG B 483 -11.12 0.34 34.10
N PRO B 484 -11.78 0.29 35.26
CA PRO B 484 -12.93 -0.61 35.41
C PRO B 484 -14.15 -0.13 34.65
N VAL B 485 -14.84 -1.06 34.02
CA VAL B 485 -16.09 -0.78 33.32
C VAL B 485 -17.28 -1.24 34.14
N LEU B 486 -17.25 -2.48 34.62
CA LEU B 486 -18.30 -3.01 35.46
C LEU B 486 -17.86 -2.98 36.93
N LYS B 487 -18.81 -2.73 37.82
CA LYS B 487 -18.54 -2.48 39.23
C LYS B 487 -19.41 -3.35 40.12
N GLY B 488 -19.48 -4.65 39.81
CA GLY B 488 -20.20 -5.58 40.64
C GLY B 488 -21.66 -5.75 40.26
N LEU B 489 -21.90 -5.99 38.97
CA LEU B 489 -23.27 -6.17 38.48
C LEU B 489 -23.80 -7.53 38.88
N THR B 490 -25.10 -7.58 39.19
CA THR B 490 -25.74 -8.82 39.62
C THR B 490 -27.20 -8.78 39.20
N PHE B 491 -27.61 -9.76 38.38
CA PHE B 491 -28.99 -9.87 37.92
C PHE B 491 -29.21 -11.29 37.40
N THR B 492 -30.47 -11.62 37.12
CA THR B 492 -30.86 -12.97 36.73
C THR B 492 -31.93 -12.90 35.65
N LEU B 493 -31.76 -13.71 34.61
CA LEU B 493 -32.70 -13.79 33.49
C LEU B 493 -33.53 -15.06 33.57
N ARG B 494 -34.86 -14.91 33.49
CA ARG B 494 -35.81 -16.01 33.49
C ARG B 494 -36.19 -16.34 32.06
N PRO B 495 -36.26 -17.63 31.69
CA PRO B 495 -36.42 -18.00 30.26
C PRO B 495 -37.70 -17.50 29.61
N GLY B 496 -38.83 -17.50 30.33
CA GLY B 496 -40.09 -17.18 29.69
C GLY B 496 -40.42 -15.72 29.53
N GLU B 497 -39.56 -14.83 30.01
CA GLU B 497 -39.88 -13.42 30.12
C GLU B 497 -39.01 -12.58 29.17
N VAL B 498 -39.25 -11.28 29.17
CA VAL B 498 -38.52 -10.31 28.37
C VAL B 498 -37.78 -9.36 29.30
N THR B 499 -36.50 -9.10 28.99
CA THR B 499 -35.65 -8.24 29.78
C THR B 499 -35.13 -7.10 28.91
N ALA B 500 -35.11 -5.90 29.48
CA ALA B 500 -34.63 -4.72 28.77
C ALA B 500 -33.52 -4.03 29.57
N LEU B 501 -32.51 -3.55 28.85
CA LEU B 501 -31.41 -2.79 29.44
C LEU B 501 -31.44 -1.38 28.88
N VAL B 502 -31.32 -0.39 29.75
CA VAL B 502 -31.33 1.02 29.35
C VAL B 502 -30.19 1.74 30.06
N GLY B 503 -29.63 2.74 29.39
CA GLY B 503 -28.56 3.52 29.94
C GLY B 503 -28.06 4.57 28.96
N PRO B 504 -27.19 5.45 29.44
CA PRO B 504 -26.63 6.50 28.56
C PRO B 504 -25.57 5.93 27.63
N ASN B 505 -25.16 6.78 26.69
CA ASN B 505 -24.10 6.40 25.75
C ASN B 505 -22.77 6.28 26.48
N GLY B 506 -22.04 5.22 26.18
CA GLY B 506 -20.76 4.99 26.83
C GLY B 506 -20.84 4.40 28.21
N SER B 507 -22.03 4.02 28.67
CA SER B 507 -22.16 3.41 29.99
C SER B 507 -21.54 2.01 30.01
N GLY B 508 -21.67 1.27 28.92
CA GLY B 508 -21.10 -0.07 28.84
C GLY B 508 -22.13 -1.16 28.64
N LYS B 509 -23.23 -0.83 27.96
CA LYS B 509 -24.25 -1.84 27.68
C LYS B 509 -23.73 -2.92 26.74
N SER B 510 -23.00 -2.53 25.69
CA SER B 510 -22.49 -3.49 24.73
C SER B 510 -21.41 -4.39 25.31
N THR B 511 -20.74 -3.94 26.38
CA THR B 511 -19.76 -4.80 27.03
C THR B 511 -20.45 -5.94 27.79
N VAL B 512 -21.67 -5.71 28.29
CA VAL B 512 -22.44 -6.79 28.89
C VAL B 512 -22.85 -7.80 27.83
N ALA B 513 -23.14 -7.32 26.61
CA ALA B 513 -23.44 -8.24 25.51
C ALA B 513 -22.22 -9.07 25.13
N ALA B 514 -21.03 -8.47 25.15
CA ALA B 514 -19.83 -9.21 24.80
C ALA B 514 -19.48 -10.25 25.86
N LEU B 515 -19.69 -9.92 27.14
CA LEU B 515 -19.37 -10.87 28.21
C LEU B 515 -20.34 -12.03 28.27
N LEU B 516 -21.52 -11.90 27.67
CA LEU B 516 -22.52 -12.95 27.71
C LEU B 516 -22.26 -14.05 26.69
N GLN B 517 -21.40 -13.81 25.71
CA GLN B 517 -21.13 -14.76 24.64
C GLN B 517 -19.75 -15.39 24.74
N ASN B 518 -19.15 -15.37 25.94
CA ASN B 518 -17.82 -15.91 26.21
C ASN B 518 -16.74 -15.26 25.34
N LEU B 519 -16.93 -13.98 24.99
CA LEU B 519 -15.93 -13.26 24.23
C LEU B 519 -14.80 -12.73 25.09
N TYR B 520 -14.98 -12.66 26.40
CA TYR B 520 -13.96 -12.15 27.30
C TYR B 520 -14.05 -12.89 28.62
N GLN B 521 -13.13 -12.54 29.52
CA GLN B 521 -13.12 -13.08 30.87
C GLN B 521 -13.30 -11.93 31.85
N PRO B 522 -14.29 -11.98 32.74
CA PRO B 522 -14.42 -10.93 33.75
C PRO B 522 -13.33 -11.02 34.79
N THR B 523 -12.83 -9.86 35.23
CA THR B 523 -11.78 -9.83 36.23
C THR B 523 -12.28 -10.34 37.57
N GLY B 524 -13.52 -10.00 37.94
CA GLY B 524 -14.10 -10.47 39.17
C GLY B 524 -15.48 -11.05 38.92
N GLY B 525 -15.95 -11.83 39.89
CA GLY B 525 -17.24 -12.44 39.77
C GLY B 525 -17.25 -13.59 38.77
N GLN B 526 -18.45 -13.97 38.35
CA GLN B 526 -18.62 -15.07 37.42
C GLN B 526 -19.95 -14.90 36.69
N VAL B 527 -20.04 -15.55 35.54
CA VAL B 527 -21.28 -15.61 34.76
C VAL B 527 -21.77 -17.05 34.80
N LEU B 528 -22.98 -17.24 35.31
CA LEU B 528 -23.55 -18.57 35.51
C LEU B 528 -24.64 -18.81 34.48
N LEU B 529 -24.46 -19.86 33.67
CA LEU B 529 -25.47 -20.30 32.71
C LEU B 529 -25.84 -21.74 33.05
N ASP B 530 -27.09 -21.94 33.46
CA ASP B 530 -27.61 -23.22 33.93
C ASP B 530 -26.73 -23.79 35.05
N GLU B 531 -26.43 -22.93 36.02
CA GLU B 531 -25.62 -23.23 37.21
C GLU B 531 -24.22 -23.71 36.83
N LYS B 532 -23.70 -23.25 35.69
CA LYS B 532 -22.36 -23.56 35.24
C LYS B 532 -21.67 -22.29 34.77
N PRO B 533 -20.35 -22.21 34.92
CA PRO B 533 -19.61 -21.09 34.31
C PRO B 533 -19.69 -21.15 32.79
N ILE B 534 -19.72 -19.97 32.17
CA ILE B 534 -19.98 -19.90 30.74
C ILE B 534 -18.80 -20.37 29.90
N SER B 535 -17.60 -20.45 30.49
CA SER B 535 -16.44 -20.96 29.76
C SER B 535 -16.34 -22.47 29.79
N GLN B 536 -17.25 -23.16 30.47
CA GLN B 536 -17.20 -24.60 30.61
C GLN B 536 -17.96 -25.34 29.52
N TYR B 537 -18.58 -24.62 28.58
CA TYR B 537 -19.37 -25.26 27.54
C TYR B 537 -18.53 -25.44 26.28
N GLU B 538 -19.06 -26.25 25.36
CA GLU B 538 -18.42 -26.44 24.07
C GLU B 538 -18.52 -25.17 23.24
N HIS B 539 -17.47 -24.89 22.46
CA HIS B 539 -17.40 -23.65 21.71
C HIS B 539 -18.43 -23.61 20.59
N CYS B 540 -18.62 -24.72 19.89
CA CYS B 540 -19.62 -24.76 18.84
C CYS B 540 -21.04 -24.87 19.39
N TYR B 541 -21.20 -25.54 20.53
CA TYR B 541 -22.54 -25.75 21.09
C TYR B 541 -23.08 -24.48 21.74
N LEU B 542 -22.22 -23.71 22.41
CA LEU B 542 -22.69 -22.52 23.10
C LEU B 542 -23.11 -21.43 22.12
N HIS B 543 -22.28 -21.15 21.12
CA HIS B 543 -22.61 -20.10 20.17
C HIS B 543 -23.72 -20.49 19.21
N SER B 544 -24.13 -21.75 19.19
CA SER B 544 -25.33 -22.16 18.48
C SER B 544 -26.58 -22.03 19.34
N GLN B 545 -26.44 -21.64 20.62
CA GLN B 545 -27.57 -21.49 21.51
C GLN B 545 -27.67 -20.11 22.14
N VAL B 546 -26.59 -19.34 22.20
CA VAL B 546 -26.59 -17.99 22.74
C VAL B 546 -26.14 -17.09 21.60
N VAL B 547 -27.08 -16.55 20.84
CA VAL B 547 -26.77 -15.75 19.67
C VAL B 547 -27.03 -14.28 19.99
N SER B 548 -26.59 -13.41 19.09
CA SER B 548 -26.77 -11.99 19.28
C SER B 548 -26.78 -11.28 17.94
N VAL B 549 -27.24 -10.03 17.96
CA VAL B 549 -27.18 -9.13 16.82
C VAL B 549 -26.28 -7.97 17.20
N GLY B 550 -25.28 -7.69 16.38
CA GLY B 550 -24.28 -6.70 16.74
C GLY B 550 -24.82 -5.28 16.69
N GLN B 551 -24.08 -4.39 17.37
CA GLN B 551 -24.42 -2.98 17.36
C GLN B 551 -24.27 -2.40 15.95
N GLU B 552 -23.19 -2.72 15.28
CA GLU B 552 -23.00 -2.37 13.87
C GLU B 552 -22.95 -3.64 13.04
N PRO B 553 -24.00 -3.95 12.28
CA PRO B 553 -24.00 -5.20 11.51
C PRO B 553 -22.94 -5.20 10.42
N VAL B 554 -22.35 -6.37 10.20
CA VAL B 554 -21.31 -6.57 9.21
C VAL B 554 -21.78 -7.65 8.25
N LEU B 555 -21.73 -7.36 6.95
CA LEU B 555 -22.13 -8.30 5.92
C LEU B 555 -20.92 -8.68 5.07
N PHE B 556 -20.74 -9.97 4.85
CA PHE B 556 -19.57 -10.47 4.14
C PHE B 556 -19.83 -10.47 2.63
N SER B 557 -18.90 -11.04 1.87
CA SER B 557 -18.89 -10.92 0.42
C SER B 557 -19.54 -12.09 -0.29
N GLY B 558 -20.20 -12.99 0.45
CA GLY B 558 -20.86 -14.12 -0.16
C GLY B 558 -22.22 -13.74 -0.72
N SER B 559 -23.00 -14.77 -1.05
CA SER B 559 -24.36 -14.56 -1.52
C SER B 559 -25.29 -14.29 -0.34
N VAL B 560 -26.54 -13.94 -0.66
CA VAL B 560 -27.53 -13.67 0.37
C VAL B 560 -27.85 -14.94 1.15
N ARG B 561 -28.04 -16.06 0.44
CA ARG B 561 -28.33 -17.32 1.11
C ARG B 561 -27.14 -17.78 1.95
N ASN B 562 -25.91 -17.50 1.52
CA ASN B 562 -24.74 -17.87 2.30
C ASN B 562 -24.56 -16.97 3.53
N ASN B 563 -25.15 -15.78 3.54
CA ASN B 563 -25.00 -14.87 4.67
C ASN B 563 -26.09 -15.03 5.72
N ILE B 564 -27.29 -15.45 5.34
CA ILE B 564 -28.32 -15.74 6.32
C ILE B 564 -27.94 -16.98 7.11
N ALA B 565 -27.44 -18.01 6.43
CA ALA B 565 -27.02 -19.26 7.06
C ALA B 565 -25.54 -19.28 7.35
N TYR B 566 -24.98 -18.12 7.72
CA TYR B 566 -23.57 -18.00 8.03
C TYR B 566 -23.18 -18.90 9.20
N GLY B 567 -22.09 -19.64 9.03
CA GLY B 567 -21.62 -20.50 10.10
C GLY B 567 -22.44 -21.74 10.34
N LEU B 568 -23.34 -22.09 9.42
CA LEU B 568 -24.18 -23.27 9.55
C LEU B 568 -23.68 -24.35 8.61
N GLN B 569 -23.48 -25.55 9.14
CA GLN B 569 -22.90 -26.63 8.35
C GLN B 569 -23.88 -27.15 7.30
N SER B 570 -25.16 -27.27 7.66
CA SER B 570 -26.15 -27.81 6.73
C SER B 570 -27.52 -27.25 7.09
N CYS B 571 -28.22 -26.74 6.07
CA CYS B 571 -29.58 -26.25 6.24
C CYS B 571 -30.31 -26.37 4.92
N GLU B 572 -31.64 -26.37 4.99
CA GLU B 572 -32.48 -26.44 3.81
C GLU B 572 -32.95 -25.04 3.42
N ASP B 573 -33.50 -24.94 2.20
CA ASP B 573 -33.91 -23.64 1.68
C ASP B 573 -35.18 -23.14 2.35
N ASP B 574 -35.98 -24.03 2.95
CA ASP B 574 -37.23 -23.63 3.58
C ASP B 574 -36.99 -22.81 4.84
N LYS B 575 -35.99 -23.20 5.64
CA LYS B 575 -35.69 -22.45 6.86
C LYS B 575 -35.15 -21.05 6.57
N VAL B 576 -34.40 -20.90 5.47
CA VAL B 576 -33.89 -19.59 5.08
C VAL B 576 -35.04 -18.68 4.67
N MET B 577 -35.99 -19.22 3.93
CA MET B 577 -37.15 -18.43 3.54
C MET B 577 -38.00 -18.08 4.75
N ALA B 578 -38.19 -19.04 5.64
CA ALA B 578 -39.02 -18.81 6.82
C ALA B 578 -38.39 -17.78 7.75
N ALA B 579 -37.06 -17.77 7.84
CA ALA B 579 -36.38 -16.78 8.66
C ALA B 579 -36.55 -15.37 8.10
N ALA B 580 -36.52 -15.24 6.78
CA ALA B 580 -36.77 -13.94 6.15
C ALA B 580 -38.22 -13.50 6.35
N GLN B 581 -39.15 -14.45 6.36
CA GLN B 581 -40.56 -14.13 6.58
C GLN B 581 -40.79 -13.60 7.98
N ALA B 582 -40.14 -14.20 8.97
CA ALA B 582 -40.36 -13.78 10.36
C ALA B 582 -39.69 -12.44 10.66
N ALA B 583 -38.62 -12.10 9.95
CA ALA B 583 -37.86 -10.88 10.20
C ALA B 583 -38.13 -9.81 9.16
N HIS B 584 -39.19 -9.97 8.36
CA HIS B 584 -39.56 -9.03 7.29
C HIS B 584 -38.41 -8.80 6.30
N ALA B 585 -37.75 -9.88 5.92
CA ALA B 585 -36.71 -9.82 4.90
C ALA B 585 -37.12 -10.47 3.59
N ASP B 586 -38.24 -11.18 3.56
CA ASP B 586 -38.72 -11.81 2.33
C ASP B 586 -39.46 -10.83 1.42
N ASP B 587 -39.86 -9.66 1.93
CA ASP B 587 -40.61 -8.71 1.12
C ASP B 587 -39.73 -8.07 0.06
N PHE B 588 -38.50 -7.69 0.42
CA PHE B 588 -37.57 -7.07 -0.52
C PHE B 588 -36.62 -8.07 -1.16
N ILE B 589 -36.71 -9.35 -0.80
CA ILE B 589 -35.81 -10.34 -1.38
C ILE B 589 -36.25 -10.76 -2.78
N GLN B 590 -37.49 -10.49 -3.16
CA GLN B 590 -37.98 -10.83 -4.49
C GLN B 590 -37.90 -9.66 -5.46
N GLU B 591 -37.48 -8.48 -4.99
CA GLU B 591 -37.34 -7.34 -5.89
C GLU B 591 -36.17 -7.52 -6.84
N MET B 592 -35.06 -8.05 -6.35
CA MET B 592 -33.87 -8.28 -7.14
C MET B 592 -33.86 -9.75 -7.57
N GLU B 593 -33.34 -10.00 -8.76
CA GLU B 593 -33.44 -11.30 -9.43
C GLU B 593 -32.71 -12.39 -8.66
N HIS B 594 -32.93 -13.64 -9.12
CA HIS B 594 -32.36 -14.88 -8.62
C HIS B 594 -32.80 -15.23 -7.20
N GLY B 595 -33.77 -14.49 -6.64
CA GLY B 595 -34.28 -14.83 -5.32
C GLY B 595 -33.25 -14.55 -4.23
N ILE B 596 -32.88 -15.61 -3.50
CA ILE B 596 -31.93 -15.49 -2.39
C ILE B 596 -30.51 -15.85 -2.79
N TYR B 597 -30.27 -16.17 -4.05
CA TYR B 597 -28.93 -16.50 -4.52
C TYR B 597 -28.20 -15.30 -5.10
N THR B 598 -28.69 -14.08 -4.82
CA THR B 598 -28.03 -12.87 -5.33
C THR B 598 -26.70 -12.65 -4.64
N ASP B 599 -25.70 -12.28 -5.45
CA ASP B 599 -24.39 -11.96 -4.89
C ASP B 599 -24.41 -10.59 -4.23
N VAL B 600 -23.80 -10.51 -3.05
CA VAL B 600 -23.62 -9.26 -2.32
C VAL B 600 -22.21 -8.76 -2.59
N GLY B 601 -22.06 -7.44 -2.67
CA GLY B 601 -20.74 -6.86 -2.85
C GLY B 601 -19.89 -6.98 -1.60
N GLU B 602 -18.62 -6.60 -1.75
CA GLU B 602 -17.68 -6.65 -0.63
C GLU B 602 -18.10 -5.67 0.46
N LYS B 603 -17.90 -6.07 1.71
CA LYS B 603 -18.21 -5.33 2.93
C LYS B 603 -19.73 -5.14 3.11
N GLY B 604 -20.54 -5.64 2.18
CA GLY B 604 -21.96 -5.40 2.22
C GLY B 604 -22.40 -4.07 1.65
N SER B 605 -21.57 -3.44 0.83
CA SER B 605 -21.86 -2.13 0.26
C SER B 605 -22.67 -2.23 -1.03
N GLN B 606 -23.80 -2.92 -0.96
CA GLN B 606 -24.69 -3.03 -2.12
C GLN B 606 -26.12 -2.80 -1.70
N LEU B 607 -26.44 -3.09 -0.44
CA LEU B 607 -27.81 -3.00 0.06
C LEU B 607 -27.96 -1.79 0.99
N ALA B 608 -29.21 -1.48 1.30
CA ALA B 608 -29.52 -0.35 2.16
C ALA B 608 -29.16 -0.66 3.61
N ALA B 609 -29.00 0.41 4.40
CA ALA B 609 -28.68 0.25 5.81
C ALA B 609 -29.84 -0.38 6.58
N GLY B 610 -31.07 0.01 6.26
CA GLY B 610 -32.23 -0.57 6.91
C GLY B 610 -32.41 -2.04 6.61
N GLN B 611 -32.10 -2.46 5.38
CA GLN B 611 -32.17 -3.87 5.02
C GLN B 611 -31.08 -4.69 5.69
N LYS B 612 -29.96 -4.03 6.02
CA LYS B 612 -28.83 -4.76 6.61
C LYS B 612 -29.15 -5.23 8.02
N GLN B 613 -29.91 -4.44 8.78
CA GLN B 613 -30.33 -4.89 10.11
C GLN B 613 -31.35 -6.02 10.01
N ARG B 614 -32.21 -6.00 8.98
CA ARG B 614 -33.18 -7.08 8.80
C ARG B 614 -32.48 -8.38 8.45
N LEU B 615 -31.42 -8.32 7.64
CA LEU B 615 -30.64 -9.51 7.33
C LEU B 615 -29.92 -10.04 8.57
N ALA B 616 -29.38 -9.13 9.39
CA ALA B 616 -28.68 -9.55 10.60
C ALA B 616 -29.65 -10.17 11.60
N ILE B 617 -30.86 -9.63 11.70
CA ILE B 617 -31.87 -10.20 12.60
C ILE B 617 -32.27 -11.60 12.13
N ALA B 618 -32.50 -11.77 10.83
CA ALA B 618 -32.86 -13.08 10.30
C ALA B 618 -31.71 -14.08 10.40
N ARG B 619 -30.47 -13.58 10.47
CA ARG B 619 -29.33 -14.48 10.65
C ARG B 619 -29.34 -15.12 12.03
N ALA B 620 -29.87 -14.43 13.04
CA ALA B 620 -29.94 -15.00 14.37
C ALA B 620 -31.05 -16.05 14.48
N LEU B 621 -32.21 -15.79 13.86
CA LEU B 621 -33.38 -16.62 14.12
C LEU B 621 -33.33 -17.98 13.43
N VAL B 622 -32.59 -18.10 12.32
CA VAL B 622 -32.55 -19.36 11.58
C VAL B 622 -31.82 -20.42 12.39
N ARG B 623 -30.89 -20.01 13.26
CA ARG B 623 -30.10 -20.92 14.07
C ARG B 623 -30.91 -21.65 15.14
N ASP B 624 -32.16 -21.25 15.38
CA ASP B 624 -33.03 -21.72 16.45
C ASP B 624 -32.33 -21.57 17.79
N PRO B 625 -32.18 -20.34 18.28
CA PRO B 625 -31.36 -20.10 19.47
C PRO B 625 -32.14 -20.38 20.76
N ARG B 626 -31.44 -20.26 21.88
CA ARG B 626 -32.03 -20.43 23.20
C ARG B 626 -32.04 -19.15 24.00
N VAL B 627 -30.93 -18.42 24.06
CA VAL B 627 -30.87 -17.11 24.69
C VAL B 627 -30.60 -16.09 23.61
N LEU B 628 -31.47 -15.09 23.52
CA LEU B 628 -31.47 -14.15 22.40
C LEU B 628 -31.09 -12.77 22.90
N ILE B 629 -30.17 -12.11 22.20
CA ILE B 629 -29.70 -10.77 22.53
C ILE B 629 -29.89 -9.87 21.33
N LEU B 630 -30.61 -8.76 21.51
CA LEU B 630 -30.79 -7.78 20.45
C LEU B 630 -30.16 -6.48 20.90
N ASP B 631 -29.31 -5.91 20.05
CA ASP B 631 -28.52 -4.73 20.43
C ASP B 631 -28.68 -3.61 19.41
N GLU B 632 -29.93 -3.25 19.07
CA GLU B 632 -30.16 -2.15 18.14
C GLU B 632 -29.59 -0.84 18.66
N ALA B 633 -29.92 -0.49 19.91
CA ALA B 633 -29.47 0.73 20.59
C ALA B 633 -29.75 1.98 19.78
N THR B 634 -28.73 2.44 19.03
CA THR B 634 -28.91 3.59 18.15
C THR B 634 -29.70 3.25 16.90
N SER B 635 -29.94 1.97 16.62
CA SER B 635 -30.77 1.60 15.48
C SER B 635 -32.25 1.75 15.84
N ALA B 636 -32.98 2.48 15.00
CA ALA B 636 -34.40 2.74 15.24
C ALA B 636 -35.14 2.57 13.92
N LEU B 637 -36.42 2.97 13.93
CA LEU B 637 -37.35 2.91 12.79
C LEU B 637 -37.65 1.50 12.31
N ASP B 638 -37.08 0.49 12.97
CA ASP B 638 -37.41 -0.90 12.70
C ASP B 638 -37.60 -1.70 13.99
N VAL B 639 -37.29 -1.13 15.15
CA VAL B 639 -37.49 -1.83 16.41
C VAL B 639 -38.97 -2.01 16.73
N GLN B 640 -39.84 -1.17 16.17
CA GLN B 640 -41.27 -1.35 16.36
C GLN B 640 -41.89 -2.27 15.31
N CYS B 641 -41.22 -2.45 14.17
CA CYS B 641 -41.67 -3.44 13.20
C CYS B 641 -41.44 -4.85 13.73
N GLU B 642 -40.34 -5.06 14.44
CA GLU B 642 -40.09 -6.36 15.07
C GLU B 642 -40.99 -6.56 16.28
N GLN B 643 -41.21 -5.51 17.06
CA GLN B 643 -41.95 -5.64 18.32
C GLN B 643 -43.44 -5.89 18.05
N ALA B 644 -43.99 -5.30 16.99
CA ALA B 644 -45.42 -5.40 16.74
C ALA B 644 -45.85 -6.82 16.38
N LEU B 645 -45.09 -7.48 15.52
CA LEU B 645 -45.40 -8.88 15.20
C LEU B 645 -45.22 -9.73 16.43
N GLN B 646 -43.98 -9.91 16.86
CA GLN B 646 -43.71 -10.70 18.04
C GLN B 646 -43.17 -9.82 19.15
N ASP B 647 -43.64 -10.03 20.37
CA ASP B 647 -43.14 -9.25 21.49
C ASP B 647 -41.66 -9.53 21.81
N TRP B 648 -40.80 -8.87 21.02
CA TRP B 648 -39.35 -9.04 20.99
C TRP B 648 -38.97 -10.50 20.73
N ASN B 649 -39.79 -11.18 19.92
CA ASN B 649 -39.62 -12.58 19.54
C ASN B 649 -39.50 -13.50 20.77
N SER B 650 -40.33 -13.19 21.77
CA SER B 650 -40.38 -14.02 22.97
C SER B 650 -41.39 -15.14 22.75
N ARG B 651 -40.94 -16.38 22.96
CA ARG B 651 -41.76 -17.56 22.71
C ARG B 651 -42.34 -18.16 23.97
N GLY B 652 -41.64 -18.07 25.10
CA GLY B 652 -42.04 -18.70 26.34
C GLY B 652 -40.98 -19.61 26.92
N ASP B 653 -40.01 -20.03 26.12
CA ASP B 653 -38.88 -20.81 26.60
C ASP B 653 -37.56 -20.27 26.04
N ARG B 654 -37.55 -19.02 25.58
CA ARG B 654 -36.37 -18.41 24.98
C ARG B 654 -36.11 -17.08 25.67
N THR B 655 -34.96 -16.98 26.33
CA THR B 655 -34.60 -15.75 27.03
C THR B 655 -34.29 -14.64 26.03
N VAL B 656 -34.88 -13.47 26.24
CA VAL B 656 -34.72 -12.34 25.34
C VAL B 656 -34.17 -11.16 26.13
N LEU B 657 -33.06 -10.60 25.64
CA LEU B 657 -32.48 -9.37 26.18
C LEU B 657 -32.49 -8.33 25.07
N VAL B 658 -33.09 -7.18 25.34
CA VAL B 658 -33.16 -6.09 24.38
C VAL B 658 -32.42 -4.89 24.97
N ILE B 659 -31.54 -4.30 24.17
CA ILE B 659 -30.73 -3.16 24.59
C ILE B 659 -31.25 -1.93 23.88
N ALA B 660 -31.67 -0.93 24.66
CA ALA B 660 -32.21 0.31 24.11
C ALA B 660 -31.70 1.49 24.92
N HIS B 661 -31.81 2.68 24.33
CA HIS B 661 -31.36 3.90 24.97
C HIS B 661 -32.46 4.65 25.70
N ARG B 662 -33.71 4.48 25.28
CA ARG B 662 -34.83 5.22 25.86
C ARG B 662 -35.77 4.27 26.59
N LEU B 663 -36.27 4.73 27.73
CA LEU B 663 -37.18 3.92 28.54
C LEU B 663 -38.56 3.80 27.91
N GLN B 664 -38.98 4.83 27.15
CA GLN B 664 -40.33 4.87 26.60
C GLN B 664 -40.54 3.92 25.43
N THR B 665 -39.53 3.10 25.26
CA THR B 665 -39.57 2.22 24.17
C THR B 665 -39.85 0.78 24.50
N VAL B 666 -39.63 0.36 25.72
CA VAL B 666 -39.83 -1.07 25.93
C VAL B 666 -41.14 -1.45 26.52
N GLN B 667 -41.23 -1.42 27.83
CA GLN B 667 -42.43 -1.84 28.48
C GLN B 667 -42.53 -3.33 28.31
N ARG B 668 -42.57 -3.75 27.07
CA ARG B 668 -42.78 -5.19 26.88
C ARG B 668 -41.98 -6.02 27.86
N ALA B 669 -40.74 -5.64 28.11
CA ALA B 669 -39.88 -6.43 28.99
C ALA B 669 -40.50 -6.58 30.37
N HIS B 670 -40.49 -7.79 30.90
CA HIS B 670 -41.05 -8.03 32.23
C HIS B 670 -40.30 -7.22 33.27
N GLN B 671 -38.98 -7.14 33.13
CA GLN B 671 -38.18 -6.39 34.09
C GLN B 671 -37.26 -5.40 33.39
N ILE B 672 -36.82 -4.38 34.12
CA ILE B 672 -35.93 -3.38 33.54
C ILE B 672 -34.77 -3.11 34.48
N LEU B 673 -33.56 -3.10 33.95
CA LEU B 673 -32.38 -2.83 34.75
C LEU B 673 -31.58 -1.68 34.17
N VAL B 674 -31.70 -0.49 34.75
CA VAL B 674 -30.98 0.67 34.24
C VAL B 674 -29.49 0.55 34.52
N LEU B 675 -28.67 1.00 33.58
CA LEU B 675 -27.22 0.93 33.76
C LEU B 675 -26.59 2.31 33.75
N GLN B 676 -25.94 2.68 34.85
CA GLN B 676 -25.25 3.97 34.91
C GLN B 676 -23.83 3.74 35.41
N GLU B 677 -22.85 4.23 34.65
CA GLU B 677 -21.40 4.14 34.87
C GLU B 677 -20.93 2.78 35.38
N GLY B 678 -21.54 1.71 34.88
CA GLY B 678 -21.20 0.37 35.32
C GLY B 678 -21.86 -0.05 36.62
N LYS B 679 -22.94 0.62 37.01
CA LYS B 679 -23.67 0.27 38.22
C LYS B 679 -25.16 0.23 37.90
N LEU B 680 -25.81 -0.86 38.28
CA LEU B 680 -27.26 -0.96 38.08
C LEU B 680 -28.00 -0.19 39.17
N GLN B 681 -29.17 0.31 38.81
CA GLN B 681 -29.98 1.08 39.74
C GLN B 681 -31.21 0.29 40.19
N ARG C 1 24.13 3.81 -18.20
CA ARG C 1 23.28 2.84 -17.62
C ARG C 1 23.48 1.53 -18.28
N ARG C 2 23.09 0.44 -17.60
CA ARG C 2 23.26 -0.94 -18.07
C ARG C 2 22.17 -1.85 -17.53
N TYR C 3 21.62 -2.79 -18.31
CA TYR C 3 20.49 -3.56 -17.90
C TYR C 3 21.05 -4.65 -17.07
N GLN C 4 20.36 -4.97 -15.99
CA GLN C 4 20.80 -6.03 -15.13
C GLN C 4 19.74 -7.07 -15.21
N LYS C 5 20.10 -8.26 -15.63
CA LYS C 5 19.09 -9.25 -15.84
C LYS C 5 18.73 -9.84 -14.52
N SER C 6 17.44 -9.88 -14.23
CA SER C 6 17.01 -10.53 -12.99
C SER C 6 17.58 -11.94 -12.91
N THR C 7 17.93 -12.34 -11.69
CA THR C 7 18.67 -13.57 -11.47
C THR C 7 17.83 -14.79 -11.81
N GLU C 8 18.46 -15.75 -12.48
CA GLU C 8 17.78 -16.98 -12.88
C GLU C 8 17.49 -17.84 -11.65
N LEU C 9 16.30 -18.42 -11.63
CA LEU C 9 15.79 -19.16 -10.48
C LEU C 9 16.36 -20.58 -10.47
#